data_9UDS
#
_entry.id   9UDS
#
_cell.length_a   121.236
_cell.length_b   116.853
_cell.length_c   59.860
_cell.angle_alpha   90.000
_cell.angle_beta   90.709
_cell.angle_gamma   90.000
#
_symmetry.space_group_name_H-M   'C 1 2 1'
#
loop_
_entity.id
_entity.type
_entity.pdbx_description
1 polymer 'Single-chain Fv antibody of C6'
2 non-polymer GLYCEROL
3 non-polymer 'ISOPROPYL ALCOHOL'
4 water water
#
_entity_poly.entity_id   1
_entity_poly.type   'polypeptide(L)'
_entity_poly.pdbx_seq_one_letter_code
;GSAQAVVTQESALTTSPGETVTLTCRSSTGAVTTSNYVNWVQEKPDHLFTGLVYSTNSRVPGVPARFSGSLIGDKAALTI
TGAQAEDEAIYFCTLWYSNHWVFGGGTKLTVLGQGGGGSGGGGSGGGGSQVQLQQPGAELVKPGASVKLSCKTSGYTFPY
YWMHWVNQRPGRGLEWIGRIDPNGGGTRYSEKFKSKATLTVDKPSNTAYMQLSSLTSEDSAVYYCARGKLGQHFDYWGQG
TALTVSS
;
_entity_poly.pdbx_strand_id   A,B,C,D
#
# COMPACT_ATOMS: atom_id res chain seq x y z
N GLN A 4 4.82 -19.43 -25.62
CA GLN A 4 5.67 -19.45 -26.79
C GLN A 4 5.48 -20.74 -27.59
N ALA A 5 5.53 -21.87 -26.89
CA ALA A 5 5.38 -23.17 -27.53
C ALA A 5 3.92 -23.39 -27.93
N VAL A 6 3.73 -24.31 -28.88
CA VAL A 6 2.41 -24.68 -29.36
C VAL A 6 2.18 -26.15 -29.07
N VAL A 7 1.08 -26.46 -28.39
CA VAL A 7 0.71 -27.82 -28.02
C VAL A 7 -0.44 -28.26 -28.91
N THR A 8 -0.28 -29.40 -29.57
CA THR A 8 -1.22 -29.84 -30.60
C THR A 8 -1.85 -31.17 -30.22
N GLN A 9 -3.17 -31.22 -30.28
CA GLN A 9 -3.94 -32.45 -30.10
C GLN A 9 -4.76 -32.72 -31.34
N GLU A 10 -5.23 -33.96 -31.47
CA GLU A 10 -6.18 -34.28 -32.53
C GLU A 10 -7.39 -33.35 -32.44
N SER A 11 -7.91 -32.96 -33.61
CA SER A 11 -9.14 -32.16 -33.61
C SER A 11 -10.29 -32.93 -32.97
N ALA A 12 -10.50 -34.17 -33.40
CA ALA A 12 -11.63 -34.97 -32.91
C ALA A 12 -11.37 -36.44 -33.21
N LEU A 13 -11.98 -37.29 -32.38
CA LEU A 13 -11.93 -38.74 -32.55
C LEU A 13 -13.29 -39.32 -32.23
N THR A 14 -13.54 -40.52 -32.75
CA THR A 14 -14.81 -41.21 -32.55
C THR A 14 -14.55 -42.65 -32.11
N THR A 15 -15.20 -43.05 -31.03
CA THR A 15 -15.06 -44.40 -30.49
C THR A 15 -16.45 -44.91 -30.13
N SER A 16 -16.52 -46.19 -29.82
CA SER A 16 -17.75 -46.86 -29.41
C SER A 16 -17.58 -47.41 -28.00
N PRO A 17 -18.68 -47.63 -27.27
CA PRO A 17 -18.56 -48.14 -25.91
C PRO A 17 -17.82 -49.47 -25.87
N GLY A 18 -17.03 -49.65 -24.82
CA GLY A 18 -16.20 -50.83 -24.68
C GLY A 18 -14.91 -50.82 -25.47
N GLU A 19 -14.75 -49.88 -26.40
CA GLU A 19 -13.54 -49.80 -27.21
C GLU A 19 -12.42 -49.10 -26.44
N THR A 20 -11.23 -49.12 -27.05
CA THR A 20 -10.07 -48.39 -26.54
C THR A 20 -9.77 -47.25 -27.50
N VAL A 21 -9.52 -46.06 -26.95
CA VAL A 21 -9.18 -44.88 -27.75
C VAL A 21 -7.96 -44.20 -27.14
N THR A 22 -7.09 -43.67 -28.00
CA THR A 22 -5.86 -43.02 -27.58
C THR A 22 -5.84 -41.58 -28.10
N LEU A 23 -5.60 -40.64 -27.21
CA LEU A 23 -5.45 -39.23 -27.53
C LEU A 23 -4.01 -38.84 -27.33
N THR A 24 -3.48 -37.95 -28.17
CA THR A 24 -2.07 -37.59 -28.05
C THR A 24 -1.92 -36.07 -27.96
N CYS A 25 -0.76 -35.68 -27.46
CA CYS A 25 -0.43 -34.32 -27.07
C CYS A 25 1.00 -34.06 -27.50
N ARG A 26 1.20 -33.09 -28.39
CA ARG A 26 2.48 -32.88 -29.03
C ARG A 26 3.04 -31.51 -28.69
N SER A 27 4.35 -31.43 -28.50
CA SER A 27 5.05 -30.18 -28.22
C SER A 27 5.78 -29.70 -29.48
N SER A 28 5.62 -28.42 -29.81
CA SER A 28 6.34 -27.86 -30.95
C SER A 28 7.83 -27.72 -30.70
N THR A 29 8.28 -27.78 -29.44
CA THR A 29 9.69 -27.58 -29.11
C THR A 29 10.51 -28.85 -29.20
N GLY A 30 9.88 -30.00 -29.33
CA GLY A 30 10.58 -31.28 -29.29
C GLY A 30 9.71 -32.31 -28.60
N ALA A 31 10.35 -33.38 -28.14
CA ALA A 31 9.61 -34.46 -27.51
C ALA A 31 9.05 -34.03 -26.16
N VAL A 32 7.87 -34.54 -25.84
CA VAL A 32 7.29 -34.37 -24.51
C VAL A 32 8.01 -35.31 -23.56
N THR A 33 8.61 -34.75 -22.52
CA THR A 33 9.26 -35.53 -21.47
C THR A 33 8.47 -35.39 -20.18
N THR A 34 8.88 -36.13 -19.15
CA THR A 34 8.25 -35.98 -17.85
C THR A 34 8.51 -34.60 -17.25
N SER A 35 9.49 -33.87 -17.79
CA SER A 35 9.76 -32.51 -17.34
C SER A 35 8.70 -31.52 -17.83
N ASN A 36 7.80 -31.94 -18.72
CA ASN A 36 6.66 -31.12 -19.10
C ASN A 36 5.44 -31.37 -18.23
N TYR A 37 5.48 -32.39 -17.38
CA TYR A 37 4.44 -32.64 -16.36
C TYR A 37 3.04 -32.55 -16.95
N VAL A 38 2.81 -33.29 -18.03
CA VAL A 38 1.54 -33.16 -18.76
C VAL A 38 0.38 -33.52 -17.85
N ASN A 39 -0.66 -32.69 -17.89
CA ASN A 39 -1.92 -32.95 -17.22
C ASN A 39 -3.01 -33.09 -18.27
N TRP A 40 -4.00 -33.91 -17.97
CA TRP A 40 -5.15 -34.12 -18.85
C TRP A 40 -6.41 -33.71 -18.12
N VAL A 41 -7.20 -32.84 -18.75
CA VAL A 41 -8.41 -32.30 -18.15
C VAL A 41 -9.57 -32.54 -19.11
N GLN A 42 -10.73 -32.88 -18.57
CA GLN A 42 -11.91 -33.25 -19.33
C GLN A 42 -12.99 -32.18 -19.17
N GLU A 43 -13.51 -31.70 -20.30
CA GLU A 43 -14.56 -30.68 -20.30
C GLU A 43 -15.87 -31.30 -20.75
N LYS A 44 -16.86 -31.32 -19.85
CA LYS A 44 -18.27 -31.58 -20.06
C LYS A 44 -19.00 -30.26 -20.24
N PRO A 45 -20.17 -30.26 -20.89
CA PRO A 45 -20.93 -29.02 -21.06
C PRO A 45 -21.22 -28.32 -19.74
N ASP A 46 -21.67 -27.07 -19.85
CA ASP A 46 -21.90 -26.20 -18.70
C ASP A 46 -20.60 -25.93 -17.95
N HIS A 47 -19.50 -25.76 -18.68
CA HIS A 47 -18.17 -25.48 -18.15
C HIS A 47 -17.85 -26.38 -16.95
N LEU A 48 -17.87 -27.68 -17.22
CA LEU A 48 -17.57 -28.71 -16.23
C LEU A 48 -16.22 -29.32 -16.59
N PHE A 49 -15.14 -28.73 -16.06
CA PHE A 49 -13.78 -29.23 -16.23
C PHE A 49 -13.42 -30.10 -15.03
N THR A 50 -12.85 -31.28 -15.30
CA THR A 50 -12.33 -32.13 -14.23
C THR A 50 -11.00 -32.71 -14.67
N GLY A 51 -10.01 -32.69 -13.77
CA GLY A 51 -8.72 -33.28 -14.09
C GLY A 51 -8.77 -34.79 -14.00
N LEU A 52 -8.08 -35.44 -14.94
CA LEU A 52 -8.05 -36.90 -15.02
C LEU A 52 -6.68 -37.48 -14.71
N VAL A 53 -5.63 -36.90 -15.29
CA VAL A 53 -4.25 -37.35 -15.11
C VAL A 53 -3.39 -36.14 -14.81
N TYR A 54 -2.40 -36.31 -13.93
CA TYR A 54 -1.42 -35.27 -13.66
C TYR A 54 -0.02 -35.87 -13.68
N SER A 55 0.94 -35.05 -14.08
CA SER A 55 2.36 -35.43 -14.15
C SER A 55 2.54 -36.74 -14.95
N THR A 56 2.10 -36.68 -16.21
CA THR A 56 2.27 -37.73 -17.20
C THR A 56 1.37 -38.95 -16.98
N ASN A 57 1.50 -39.62 -15.84
CA ASN A 57 0.92 -40.94 -15.68
C ASN A 57 0.12 -41.14 -14.40
N SER A 58 0.09 -40.16 -13.50
CA SER A 58 -0.64 -40.33 -12.25
C SER A 58 -2.11 -40.02 -12.46
N ARG A 59 -2.97 -40.96 -12.10
CA ARG A 59 -4.41 -40.75 -12.16
C ARG A 59 -4.87 -39.94 -10.95
N VAL A 60 -5.73 -38.96 -11.19
CA VAL A 60 -6.32 -38.20 -10.08
C VAL A 60 -7.20 -39.14 -9.25
N PRO A 61 -7.08 -39.14 -7.92
CA PRO A 61 -7.92 -40.01 -7.10
C PRO A 61 -9.40 -39.82 -7.40
N GLY A 62 -10.12 -40.94 -7.47
CA GLY A 62 -11.52 -40.93 -7.79
C GLY A 62 -11.84 -41.10 -9.25
N VAL A 63 -10.87 -40.87 -10.14
CA VAL A 63 -11.11 -41.02 -11.58
C VAL A 63 -11.19 -42.50 -11.92
N PRO A 64 -12.09 -42.92 -12.82
CA PRO A 64 -12.18 -44.35 -13.17
C PRO A 64 -10.84 -44.90 -13.66
N ALA A 65 -10.63 -46.19 -13.38
CA ALA A 65 -9.38 -46.85 -13.72
C ALA A 65 -9.15 -46.93 -15.23
N ARG A 66 -10.20 -46.78 -16.03
CA ARG A 66 -10.05 -46.91 -17.47
C ARG A 66 -9.26 -45.75 -18.10
N PHE A 67 -8.94 -44.71 -17.34
CA PHE A 67 -8.11 -43.61 -17.83
C PHE A 67 -6.67 -43.85 -17.41
N SER A 68 -5.75 -43.75 -18.35
CA SER A 68 -4.34 -43.89 -18.04
C SER A 68 -3.53 -42.97 -18.93
N GLY A 69 -2.49 -42.35 -18.37
CA GLY A 69 -1.61 -41.47 -19.11
C GLY A 69 -0.22 -42.09 -19.25
N SER A 70 0.44 -41.75 -20.35
CA SER A 70 1.77 -42.28 -20.62
C SER A 70 2.45 -41.38 -21.64
N LEU A 71 3.70 -41.69 -21.94
CA LEU A 71 4.41 -41.13 -23.07
C LEU A 71 4.50 -42.18 -24.17
N ILE A 72 4.28 -41.76 -25.41
CA ILE A 72 4.34 -42.62 -26.58
C ILE A 72 5.13 -41.87 -27.64
N GLY A 73 6.31 -42.38 -27.97
CA GLY A 73 7.19 -41.67 -28.89
C GLY A 73 7.55 -40.31 -28.33
N ASP A 74 7.40 -39.28 -29.18
CA ASP A 74 7.65 -37.91 -28.77
C ASP A 74 6.45 -37.25 -28.10
N LYS A 75 5.35 -37.97 -27.90
CA LYS A 75 4.11 -37.36 -27.46
C LYS A 75 3.67 -37.92 -26.12
N ALA A 76 2.83 -37.14 -25.43
CA ALA A 76 2.07 -37.65 -24.30
C ALA A 76 0.75 -38.22 -24.80
N ALA A 77 0.17 -39.13 -24.02
CA ALA A 77 -1.02 -39.84 -24.47
C ALA A 77 -1.95 -40.14 -23.31
N LEU A 78 -3.24 -39.97 -23.56
CA LEU A 78 -4.30 -40.40 -22.65
C LEU A 78 -5.02 -41.57 -23.32
N THR A 79 -4.99 -42.73 -22.66
CA THR A 79 -5.66 -43.92 -23.15
C THR A 79 -6.91 -44.17 -22.32
N ILE A 80 -8.02 -44.40 -23.00
CA ILE A 80 -9.28 -44.80 -22.36
C ILE A 80 -9.54 -46.23 -22.80
N THR A 81 -9.40 -47.17 -21.88
CA THR A 81 -9.58 -48.59 -22.18
C THR A 81 -10.97 -49.01 -21.72
N GLY A 82 -11.85 -49.28 -22.69
CA GLY A 82 -13.23 -49.63 -22.38
C GLY A 82 -14.09 -48.40 -22.21
N ALA A 83 -14.16 -47.57 -23.27
CA ALA A 83 -14.80 -46.28 -23.17
C ALA A 83 -16.29 -46.41 -22.84
N GLN A 84 -16.83 -45.37 -22.22
CA GLN A 84 -18.23 -45.31 -21.83
C GLN A 84 -18.89 -44.14 -22.53
N ALA A 85 -20.23 -44.23 -22.66
CA ALA A 85 -20.98 -43.15 -23.28
C ALA A 85 -20.74 -41.82 -22.56
N GLU A 86 -20.55 -41.86 -21.23
CA GLU A 86 -20.28 -40.65 -20.46
C GLU A 86 -18.92 -40.04 -20.76
N ASP A 87 -18.05 -40.75 -21.50
CA ASP A 87 -16.75 -40.21 -21.86
C ASP A 87 -16.79 -39.28 -23.07
N GLU A 88 -17.94 -39.09 -23.69
CA GLU A 88 -18.05 -38.11 -24.77
C GLU A 88 -17.85 -36.71 -24.19
N ALA A 89 -16.77 -36.05 -24.63
CA ALA A 89 -16.36 -34.77 -24.05
C ALA A 89 -15.19 -34.19 -24.81
N ILE A 90 -14.66 -33.06 -24.33
CA ILE A 90 -13.45 -32.45 -24.89
C ILE A 90 -12.32 -32.67 -23.91
N TYR A 91 -11.17 -33.10 -24.42
CA TYR A 91 -10.03 -33.45 -23.60
C TYR A 91 -8.88 -32.51 -23.92
N PHE A 92 -8.37 -31.84 -22.88
CA PHE A 92 -7.26 -30.90 -23.00
C PHE A 92 -6.03 -31.46 -22.31
N CYS A 93 -4.86 -31.26 -22.91
CA CYS A 93 -3.60 -31.50 -22.23
C CYS A 93 -2.91 -30.17 -21.96
N THR A 94 -2.09 -30.15 -20.91
CA THR A 94 -1.31 -28.99 -20.52
C THR A 94 0.15 -29.40 -20.39
N LEU A 95 1.05 -28.54 -20.85
CA LEU A 95 2.48 -28.79 -20.76
C LEU A 95 3.17 -27.63 -20.07
N TRP A 96 4.17 -27.95 -19.25
CA TRP A 96 4.95 -26.96 -18.52
C TRP A 96 6.25 -26.69 -19.28
N TYR A 97 6.55 -25.40 -19.49
CA TYR A 97 7.76 -24.96 -20.16
C TYR A 97 8.56 -24.04 -19.24
N SER A 98 9.14 -24.62 -18.19
CA SER A 98 10.09 -23.96 -17.28
C SER A 98 9.43 -22.97 -16.34
N ASN A 99 8.50 -22.15 -16.86
CA ASN A 99 7.86 -21.14 -16.00
C ASN A 99 6.41 -20.86 -16.36
N HIS A 100 5.83 -21.49 -17.38
CA HIS A 100 4.42 -21.29 -17.66
C HIS A 100 3.81 -22.57 -18.22
N TRP A 101 2.49 -22.68 -18.10
CA TRP A 101 1.72 -23.77 -18.67
C TRP A 101 1.16 -23.37 -20.02
N VAL A 102 1.13 -24.31 -20.95
CA VAL A 102 0.54 -24.09 -22.27
C VAL A 102 -0.50 -25.18 -22.52
N PHE A 103 -1.69 -24.76 -22.92
CA PHE A 103 -2.78 -25.70 -23.18
C PHE A 103 -2.78 -26.14 -24.64
N GLY A 104 -3.03 -27.43 -24.86
CA GLY A 104 -3.36 -27.90 -26.18
C GLY A 104 -4.73 -27.40 -26.62
N GLY A 105 -5.00 -27.57 -27.91
CA GLY A 105 -6.26 -27.11 -28.48
C GLY A 105 -7.47 -27.93 -28.14
N GLY A 106 -7.30 -29.12 -27.61
CA GLY A 106 -8.44 -29.92 -27.20
C GLY A 106 -8.90 -30.90 -28.27
N THR A 107 -9.36 -32.07 -27.81
CA THR A 107 -9.89 -33.12 -28.68
C THR A 107 -11.32 -33.41 -28.29
N LYS A 108 -12.24 -33.26 -29.24
CA LYS A 108 -13.62 -33.67 -29.02
C LYS A 108 -13.72 -35.17 -29.26
N LEU A 109 -13.97 -35.92 -28.19
CA LEU A 109 -14.17 -37.36 -28.26
C LEU A 109 -15.67 -37.64 -28.39
N THR A 110 -16.06 -38.22 -29.53
CA THR A 110 -17.43 -38.66 -29.75
C THR A 110 -17.55 -40.15 -29.46
N VAL A 111 -18.50 -40.51 -28.61
CA VAL A 111 -18.82 -41.91 -28.32
C VAL A 111 -20.14 -42.23 -28.99
N LEU A 112 -20.16 -43.28 -29.81
CA LEU A 112 -21.34 -43.65 -30.56
C LEU A 112 -22.38 -44.32 -29.66
N GLY A 113 -23.64 -44.20 -30.05
CA GLY A 113 -24.73 -44.80 -29.31
C GLY A 113 -25.52 -43.80 -28.50
N GLN A 130 -17.94 -33.12 -3.42
CA GLN A 130 -17.12 -32.97 -2.22
C GLN A 130 -16.27 -31.69 -2.29
N VAL A 131 -15.19 -31.73 -3.07
CA VAL A 131 -14.41 -30.52 -3.33
C VAL A 131 -15.22 -29.63 -4.26
N GLN A 132 -15.51 -28.41 -3.83
CA GLN A 132 -16.24 -27.43 -4.62
C GLN A 132 -15.43 -26.15 -4.74
N LEU A 133 -15.40 -25.60 -5.95
CA LEU A 133 -14.83 -24.29 -6.24
C LEU A 133 -15.94 -23.46 -6.86
N GLN A 134 -16.39 -22.44 -6.15
CA GLN A 134 -17.59 -21.69 -6.51
C GLN A 134 -17.21 -20.31 -7.01
N GLN A 135 -17.54 -20.03 -8.27
CA GLN A 135 -17.30 -18.77 -8.93
C GLN A 135 -18.62 -18.12 -9.33
N PRO A 136 -18.72 -16.80 -9.26
CA PRO A 136 -19.88 -16.11 -9.85
C PRO A 136 -19.96 -16.44 -11.34
N GLY A 137 -21.19 -16.65 -11.81
CA GLY A 137 -21.38 -17.13 -13.17
C GLY A 137 -20.97 -16.14 -14.25
N ALA A 138 -21.07 -14.84 -13.96
CA ALA A 138 -20.84 -13.84 -14.99
C ALA A 138 -20.63 -12.49 -14.34
N GLU A 139 -20.01 -11.60 -15.11
CA GLU A 139 -19.84 -10.21 -14.69
C GLU A 139 -19.94 -9.33 -15.92
N LEU A 140 -20.53 -8.16 -15.75
CA LEU A 140 -20.71 -7.17 -16.81
C LEU A 140 -20.20 -5.84 -16.30
N VAL A 141 -19.15 -5.31 -16.96
CA VAL A 141 -18.55 -4.04 -16.56
C VAL A 141 -18.23 -3.24 -17.80
N LYS A 142 -18.16 -1.93 -17.62
CA LYS A 142 -17.80 -1.05 -18.71
C LYS A 142 -16.28 -1.06 -18.89
N PRO A 143 -15.80 -0.76 -20.10
CA PRO A 143 -14.36 -0.74 -20.33
C PRO A 143 -13.69 0.31 -19.47
N GLY A 144 -12.44 0.04 -19.08
CA GLY A 144 -11.70 0.89 -18.18
C GLY A 144 -11.81 0.53 -16.72
N ALA A 145 -12.81 -0.27 -16.35
CA ALA A 145 -13.02 -0.60 -14.95
C ALA A 145 -12.03 -1.68 -14.50
N SER A 146 -11.91 -1.82 -13.19
CA SER A 146 -11.20 -2.92 -12.55
C SER A 146 -12.20 -3.81 -11.84
N VAL A 147 -11.86 -5.09 -11.70
CA VAL A 147 -12.77 -6.05 -11.09
C VAL A 147 -11.95 -7.06 -10.28
N LYS A 148 -12.59 -7.64 -9.26
CA LYS A 148 -11.97 -8.65 -8.41
C LYS A 148 -12.87 -9.89 -8.46
N LEU A 149 -12.44 -10.89 -9.25
CA LEU A 149 -13.18 -12.14 -9.34
C LEU A 149 -12.85 -13.04 -8.16
N SER A 150 -13.83 -13.82 -7.73
CA SER A 150 -13.71 -14.65 -6.53
C SER A 150 -13.89 -16.12 -6.86
N CYS A 151 -13.36 -16.96 -5.97
CA CYS A 151 -13.38 -18.42 -6.11
C CYS A 151 -13.42 -18.99 -4.69
N LYS A 152 -14.63 -19.26 -4.20
CA LYS A 152 -14.81 -19.75 -2.85
C LYS A 152 -14.76 -21.27 -2.85
N THR A 153 -13.88 -21.84 -2.03
CA THR A 153 -13.65 -23.28 -2.03
C THR A 153 -14.30 -23.92 -0.82
N SER A 154 -14.58 -25.22 -0.95
CA SER A 154 -15.07 -26.02 0.17
C SER A 154 -14.75 -27.48 -0.11
N GLY A 155 -14.77 -28.29 0.95
CA GLY A 155 -14.53 -29.72 0.83
C GLY A 155 -13.07 -30.13 0.97
N TYR A 156 -12.16 -29.19 1.18
CA TYR A 156 -10.77 -29.49 1.46
C TYR A 156 -10.21 -28.34 2.27
N THR A 157 -9.00 -28.52 2.79
CA THR A 157 -8.38 -27.51 3.63
C THR A 157 -7.59 -26.55 2.72
N PHE A 158 -8.12 -25.33 2.61
CA PHE A 158 -7.71 -24.37 1.59
C PHE A 158 -6.19 -24.15 1.49
N PRO A 159 -5.47 -23.83 2.57
CA PRO A 159 -4.04 -23.47 2.40
C PRO A 159 -3.13 -24.65 2.05
N TYR A 160 -3.63 -25.88 1.93
CA TYR A 160 -2.76 -26.98 1.51
C TYR A 160 -2.64 -27.11 0.00
N TYR A 161 -3.30 -26.24 -0.77
CA TYR A 161 -3.30 -26.33 -2.22
C TYR A 161 -3.10 -24.96 -2.84
N TRP A 162 -2.36 -24.91 -3.94
CA TRP A 162 -2.31 -23.72 -4.77
C TRP A 162 -3.63 -23.53 -5.50
N MET A 163 -3.82 -22.32 -6.04
CA MET A 163 -4.95 -22.02 -6.90
C MET A 163 -4.43 -21.38 -8.18
N HIS A 164 -4.77 -21.98 -9.32
CA HIS A 164 -4.45 -21.48 -10.65
C HIS A 164 -5.62 -20.69 -11.21
N TRP A 165 -5.33 -19.78 -12.12
CA TRP A 165 -6.34 -19.09 -12.89
C TRP A 165 -6.06 -19.28 -14.37
N VAL A 166 -7.11 -19.59 -15.12
CA VAL A 166 -7.05 -19.86 -16.56
C VAL A 166 -8.15 -19.05 -17.20
N ASN A 167 -7.93 -18.55 -18.41
CA ASN A 167 -9.00 -17.85 -19.10
C ASN A 167 -9.19 -18.43 -20.49
N GLN A 168 -10.37 -18.18 -21.05
CA GLN A 168 -10.70 -18.69 -22.38
C GLN A 168 -11.50 -17.62 -23.11
N ARG A 169 -10.87 -16.98 -24.09
CA ARG A 169 -11.53 -16.00 -24.94
C ARG A 169 -12.39 -16.70 -25.98
N PRO A 170 -13.50 -16.08 -26.38
CA PRO A 170 -14.41 -16.74 -27.34
C PRO A 170 -13.70 -17.10 -28.63
N GLY A 171 -13.88 -18.35 -29.06
CA GLY A 171 -13.24 -18.84 -30.26
C GLY A 171 -11.76 -19.11 -30.14
N ARG A 172 -11.17 -18.93 -28.96
CA ARG A 172 -9.75 -19.15 -28.74
C ARG A 172 -9.57 -20.21 -27.65
N GLY A 173 -8.30 -20.53 -27.37
CA GLY A 173 -7.99 -21.62 -26.47
C GLY A 173 -7.83 -21.21 -25.02
N LEU A 174 -7.62 -22.22 -24.18
CA LEU A 174 -7.33 -21.96 -22.77
C LEU A 174 -5.93 -21.40 -22.61
N GLU A 175 -5.79 -20.41 -21.74
CA GLU A 175 -4.52 -19.75 -21.48
C GLU A 175 -4.32 -19.60 -19.98
N TRP A 176 -3.15 -20.03 -19.49
CA TRP A 176 -2.83 -20.00 -18.08
C TRP A 176 -2.45 -18.58 -17.66
N ILE A 177 -3.06 -18.10 -16.59
CA ILE A 177 -2.82 -16.74 -16.10
C ILE A 177 -1.74 -16.71 -15.01
N GLY A 178 -1.82 -17.63 -14.07
CA GLY A 178 -0.88 -17.65 -12.96
C GLY A 178 -1.41 -18.52 -11.85
N ARG A 179 -0.63 -18.58 -10.77
CA ARG A 179 -1.01 -19.36 -9.60
C ARG A 179 -0.62 -18.60 -8.35
N ILE A 180 -1.23 -19.00 -7.23
CA ILE A 180 -0.85 -18.48 -5.92
C ILE A 180 -0.83 -19.65 -4.93
N ASP A 181 0.17 -19.64 -4.06
CA ASP A 181 0.25 -20.55 -2.93
C ASP A 181 -0.34 -19.84 -1.70
N PRO A 182 -1.43 -20.33 -1.13
CA PRO A 182 -2.06 -19.59 -0.02
C PRO A 182 -1.22 -19.57 1.25
N ASN A 183 -0.44 -20.62 1.51
CA ASN A 183 0.38 -20.68 2.72
C ASN A 183 1.44 -19.59 2.69
N GLY A 184 2.47 -19.77 1.85
CA GLY A 184 3.54 -18.80 1.80
C GLY A 184 3.14 -17.48 1.18
N GLY A 185 2.16 -17.51 0.28
CA GLY A 185 1.72 -16.32 -0.42
C GLY A 185 2.34 -16.10 -1.78
N GLY A 186 3.29 -16.96 -2.20
CA GLY A 186 4.03 -16.71 -3.42
C GLY A 186 3.17 -16.88 -4.66
N THR A 187 3.38 -16.01 -5.64
CA THR A 187 2.66 -16.03 -6.89
C THR A 187 3.63 -16.23 -8.06
N ARG A 188 3.09 -16.71 -9.17
CA ARG A 188 3.80 -16.86 -10.43
C ARG A 188 2.82 -16.53 -11.54
N TYR A 189 3.25 -15.69 -12.48
CA TYR A 189 2.37 -15.18 -13.53
C TYR A 189 2.92 -15.55 -14.91
N SER A 190 2.01 -15.81 -15.83
CA SER A 190 2.36 -15.81 -17.25
C SER A 190 2.73 -14.39 -17.67
N GLU A 191 3.78 -14.27 -18.48
CA GLU A 191 4.26 -12.96 -18.90
C GLU A 191 3.16 -12.11 -19.51
N LYS A 192 2.27 -12.73 -20.27
CA LYS A 192 1.20 -12.00 -20.94
C LYS A 192 0.28 -11.29 -19.95
N PHE A 193 0.14 -11.82 -18.73
CA PHE A 193 -0.86 -11.33 -17.79
C PHE A 193 -0.27 -10.56 -16.61
N LYS A 194 1.04 -10.32 -16.59
CA LYS A 194 1.66 -9.73 -15.41
C LYS A 194 1.09 -8.35 -15.11
N SER A 195 0.90 -7.52 -16.13
CA SER A 195 0.37 -6.18 -15.92
C SER A 195 -1.13 -6.16 -15.73
N LYS A 196 -1.82 -7.26 -16.04
CA LYS A 196 -3.28 -7.30 -16.07
C LYS A 196 -3.89 -7.91 -14.81
N ALA A 197 -3.28 -8.94 -14.24
CA ALA A 197 -3.89 -9.74 -13.18
C ALA A 197 -3.04 -9.75 -11.92
N THR A 198 -3.71 -9.71 -10.77
CA THR A 198 -3.08 -9.89 -9.47
C THR A 198 -3.87 -10.90 -8.66
N LEU A 199 -3.21 -11.96 -8.20
CA LEU A 199 -3.85 -13.02 -7.43
C LEU A 199 -3.60 -12.80 -5.95
N THR A 200 -4.64 -12.94 -5.13
CA THR A 200 -4.56 -12.89 -3.69
C THR A 200 -5.45 -14.00 -3.13
N VAL A 201 -5.33 -14.23 -1.82
CA VAL A 201 -6.24 -15.14 -1.12
C VAL A 201 -6.74 -14.46 0.15
N ASP A 202 -7.91 -14.93 0.62
CA ASP A 202 -8.37 -14.67 1.97
C ASP A 202 -8.59 -16.02 2.63
N LYS A 203 -7.60 -16.46 3.41
CA LYS A 203 -7.71 -17.76 4.06
C LYS A 203 -8.88 -17.87 5.03
N PRO A 204 -9.23 -16.87 5.85
CA PRO A 204 -10.38 -17.04 6.76
C PRO A 204 -11.68 -17.44 6.08
N SER A 205 -11.86 -17.11 4.80
CA SER A 205 -13.08 -17.46 4.08
C SER A 205 -12.83 -18.43 2.94
N ASN A 206 -11.65 -19.05 2.87
CA ASN A 206 -11.35 -20.09 1.88
C ASN A 206 -11.57 -19.60 0.46
N THR A 207 -11.16 -18.37 0.17
CA THR A 207 -11.46 -17.74 -1.11
C THR A 207 -10.19 -17.28 -1.80
N ALA A 208 -10.07 -17.59 -3.08
CA ALA A 208 -9.02 -17.04 -3.92
C ALA A 208 -9.61 -15.92 -4.77
N TYR A 209 -8.83 -14.85 -4.95
CA TYR A 209 -9.25 -13.71 -5.76
C TYR A 209 -8.27 -13.45 -6.89
N MET A 210 -8.81 -12.90 -7.98
CA MET A 210 -8.02 -12.40 -9.09
C MET A 210 -8.54 -11.03 -9.47
N GLN A 211 -7.69 -10.02 -9.35
CA GLN A 211 -8.04 -8.65 -9.71
C GLN A 211 -7.54 -8.38 -11.12
N LEU A 212 -8.43 -7.89 -11.97
CA LEU A 212 -8.11 -7.51 -13.34
C LEU A 212 -8.25 -6.01 -13.47
N SER A 213 -7.20 -5.34 -13.94
CA SER A 213 -7.15 -3.88 -13.95
C SER A 213 -7.34 -3.35 -15.37
N SER A 214 -7.97 -2.17 -15.45
CA SER A 214 -8.09 -1.38 -16.69
C SER A 214 -8.57 -2.24 -17.86
N LEU A 215 -9.80 -2.75 -17.70
CA LEU A 215 -10.32 -3.75 -18.63
C LEU A 215 -10.58 -3.14 -20.00
N THR A 216 -10.31 -3.92 -21.04
CA THR A 216 -10.71 -3.60 -22.41
C THR A 216 -11.54 -4.76 -22.95
N SER A 217 -12.06 -4.58 -24.17
CA SER A 217 -12.89 -5.62 -24.77
C SER A 217 -12.10 -6.90 -25.01
N GLU A 218 -10.78 -6.79 -25.16
CA GLU A 218 -9.93 -7.97 -25.29
C GLU A 218 -9.85 -8.78 -24.00
N ASP A 219 -10.37 -8.25 -22.89
CA ASP A 219 -10.40 -9.00 -21.64
C ASP A 219 -11.70 -9.77 -21.45
N SER A 220 -12.64 -9.64 -22.38
CA SER A 220 -13.85 -10.46 -22.34
C SER A 220 -13.49 -11.91 -22.57
N ALA A 221 -13.84 -12.76 -21.60
CA ALA A 221 -13.47 -14.17 -21.60
C ALA A 221 -14.12 -14.82 -20.38
N VAL A 222 -14.08 -16.14 -20.34
CA VAL A 222 -14.42 -16.88 -19.14
C VAL A 222 -13.14 -17.10 -18.35
N TYR A 223 -13.19 -16.81 -17.05
CA TYR A 223 -12.04 -16.93 -16.18
C TYR A 223 -12.32 -18.05 -15.18
N TYR A 224 -11.45 -19.07 -15.17
CA TYR A 224 -11.59 -20.22 -14.29
C TYR A 224 -10.52 -20.19 -13.21
N CYS A 225 -10.89 -20.59 -12.00
CA CYS A 225 -9.94 -21.00 -10.98
C CYS A 225 -9.85 -22.53 -10.98
N ALA A 226 -8.64 -23.04 -10.76
CA ALA A 226 -8.39 -24.48 -10.80
C ALA A 226 -7.38 -24.84 -9.73
N ARG A 227 -7.68 -25.87 -8.96
CA ARG A 227 -6.83 -26.27 -7.84
C ARG A 227 -5.57 -26.96 -8.32
N GLY A 228 -4.54 -26.90 -7.49
CA GLY A 228 -3.34 -27.69 -7.75
C GLY A 228 -2.43 -27.67 -6.54
N LYS A 229 -1.33 -28.40 -6.65
CA LYS A 229 -0.22 -28.35 -5.72
C LYS A 229 0.99 -28.85 -6.49
N LEU A 230 2.17 -28.74 -5.87
CA LEU A 230 3.40 -29.08 -6.57
C LEU A 230 3.32 -30.50 -7.13
N GLY A 231 3.54 -30.63 -8.45
CA GLY A 231 3.47 -31.91 -9.11
C GLY A 231 2.09 -32.49 -9.32
N GLN A 232 1.02 -31.74 -9.01
CA GLN A 232 -0.34 -32.30 -9.02
C GLN A 232 -1.33 -31.15 -9.29
N HIS A 233 -1.51 -30.82 -10.58
CA HIS A 233 -2.21 -29.62 -10.97
C HIS A 233 -3.50 -29.91 -11.74
N PHE A 234 -4.47 -29.00 -11.57
CA PHE A 234 -5.68 -28.90 -12.40
C PHE A 234 -6.65 -30.05 -12.15
N ASP A 235 -6.78 -30.49 -10.89
CA ASP A 235 -7.67 -31.61 -10.63
C ASP A 235 -9.12 -31.17 -10.42
N TYR A 236 -9.37 -30.07 -9.71
CA TYR A 236 -10.71 -29.55 -9.52
C TYR A 236 -10.79 -28.12 -10.04
N TRP A 237 -11.92 -27.78 -10.65
CA TRP A 237 -12.11 -26.52 -11.38
C TRP A 237 -13.40 -25.85 -10.94
N GLY A 238 -13.38 -24.52 -10.85
CA GLY A 238 -14.61 -23.78 -10.81
C GLY A 238 -15.30 -23.81 -12.16
N GLN A 239 -16.56 -23.36 -12.19
CA GLN A 239 -17.33 -23.31 -13.43
C GLN A 239 -17.08 -22.04 -14.23
N GLY A 240 -16.28 -21.12 -13.73
CA GLY A 240 -15.86 -19.97 -14.52
C GLY A 240 -16.77 -18.77 -14.34
N THR A 241 -16.17 -17.59 -14.42
CA THR A 241 -16.87 -16.32 -14.44
C THR A 241 -16.79 -15.78 -15.86
N ALA A 242 -17.93 -15.71 -16.56
CA ALA A 242 -17.97 -15.14 -17.90
C ALA A 242 -17.97 -13.62 -17.78
N LEU A 243 -16.82 -13.01 -18.08
CA LEU A 243 -16.63 -11.57 -17.93
C LEU A 243 -16.87 -10.90 -19.28
N THR A 244 -17.88 -10.03 -19.35
CA THR A 244 -18.16 -9.23 -20.52
C THR A 244 -17.78 -7.78 -20.23
N VAL A 245 -16.88 -7.23 -21.03
CA VAL A 245 -16.47 -5.84 -20.97
C VAL A 245 -17.11 -5.13 -22.16
N SER A 246 -18.04 -4.22 -21.90
CA SER A 246 -18.75 -3.54 -22.98
C SER A 246 -19.30 -2.22 -22.47
N SER A 247 -19.28 -1.21 -23.34
CA SER A 247 -19.82 0.10 -23.02
C SER A 247 -21.29 0.19 -23.45
N GLN B 4 6.55 18.84 7.17
CA GLN B 4 6.90 20.26 7.14
C GLN B 4 8.18 20.48 6.33
N ALA B 5 9.16 19.60 6.56
CA ALA B 5 10.45 19.73 5.91
C ALA B 5 10.42 19.12 4.51
N VAL B 6 11.22 19.70 3.62
CA VAL B 6 11.30 19.26 2.22
C VAL B 6 12.71 18.76 1.96
N VAL B 7 12.81 17.58 1.35
CA VAL B 7 14.08 16.93 1.05
C VAL B 7 14.23 16.89 -0.46
N THR B 8 15.33 17.44 -0.97
CA THR B 8 15.51 17.69 -2.39
C THR B 8 16.67 16.87 -2.94
N GLN B 9 16.42 16.14 -4.02
CA GLN B 9 17.43 15.42 -4.75
C GLN B 9 17.46 15.89 -6.20
N GLU B 10 18.57 15.59 -6.88
CA GLU B 10 18.61 15.79 -8.32
C GLU B 10 17.46 15.05 -8.98
N SER B 11 16.88 15.67 -10.01
CA SER B 11 15.83 15.00 -10.75
C SER B 11 16.39 13.81 -11.52
N ALA B 12 17.49 14.01 -12.25
CA ALA B 12 18.03 12.96 -13.09
C ALA B 12 19.52 13.23 -13.33
N LEU B 13 20.29 12.14 -13.34
CA LEU B 13 21.72 12.19 -13.67
C LEU B 13 22.02 11.09 -14.68
N THR B 14 22.99 11.36 -15.55
CA THR B 14 23.46 10.38 -16.52
C THR B 14 24.95 10.18 -16.36
N THR B 15 25.36 8.92 -16.22
CA THR B 15 26.76 8.52 -16.12
C THR B 15 27.02 7.41 -17.15
N SER B 16 28.26 6.95 -17.19
CA SER B 16 28.70 5.88 -18.06
C SER B 16 29.36 4.80 -17.22
N PRO B 17 29.46 3.57 -17.73
CA PRO B 17 30.13 2.51 -16.97
C PRO B 17 31.56 2.87 -16.65
N GLY B 18 31.99 2.52 -15.44
CA GLY B 18 33.31 2.85 -14.96
C GLY B 18 33.48 4.25 -14.42
N GLU B 19 32.52 5.14 -14.64
CA GLU B 19 32.61 6.52 -14.19
C GLU B 19 32.18 6.65 -12.73
N THR B 20 32.44 7.83 -12.16
CA THR B 20 32.04 8.15 -10.80
C THR B 20 30.90 9.15 -10.85
N VAL B 21 29.87 8.90 -10.04
CA VAL B 21 28.71 9.77 -9.95
C VAL B 21 28.36 9.96 -8.48
N THR B 22 27.98 11.18 -8.11
CA THR B 22 27.57 11.51 -6.77
C THR B 22 26.15 12.06 -6.80
N LEU B 23 25.27 11.45 -6.02
CA LEU B 23 23.90 11.93 -5.84
C LEU B 23 23.80 12.62 -4.49
N THR B 24 23.02 13.68 -4.41
CA THR B 24 23.00 14.48 -3.19
C THR B 24 21.57 14.66 -2.68
N CYS B 25 21.50 15.03 -1.41
CA CYS B 25 20.27 15.03 -0.63
C CYS B 25 20.31 16.26 0.27
N ARG B 26 19.41 17.21 0.02
CA ARG B 26 19.42 18.49 0.71
C ARG B 26 18.17 18.62 1.59
N SER B 27 18.36 19.20 2.78
CA SER B 27 17.26 19.48 3.68
C SER B 27 16.89 20.95 3.66
N SER B 28 15.58 21.24 3.70
CA SER B 28 15.10 22.61 3.68
C SER B 28 15.30 23.33 5.00
N THR B 29 15.71 22.63 6.06
CA THR B 29 15.81 23.19 7.40
C THR B 29 17.21 23.65 7.76
N GLY B 30 18.21 23.31 6.96
CA GLY B 30 19.58 23.63 7.27
C GLY B 30 20.50 22.52 6.79
N ALA B 31 21.72 22.54 7.29
CA ALA B 31 22.69 21.54 6.89
C ALA B 31 22.25 20.16 7.36
N VAL B 32 22.50 19.15 6.51
CA VAL B 32 22.25 17.77 6.89
C VAL B 32 23.42 17.28 7.75
N THR B 33 23.11 16.78 8.93
CA THR B 33 24.11 16.27 9.86
C THR B 33 23.89 14.78 10.07
N THR B 34 24.85 14.14 10.75
CA THR B 34 24.68 12.74 11.11
C THR B 34 23.46 12.52 12.01
N SER B 35 22.97 13.57 12.66
CA SER B 35 21.75 13.49 13.43
C SER B 35 20.49 13.38 12.57
N ASN B 36 20.62 13.52 11.24
CA ASN B 36 19.53 13.24 10.34
C ASN B 36 19.50 11.79 9.88
N TYR B 37 20.55 11.01 10.16
CA TYR B 37 20.58 9.56 9.92
C TYR B 37 20.12 9.21 8.50
N VAL B 38 20.72 9.89 7.51
CA VAL B 38 20.32 9.68 6.12
C VAL B 38 20.45 8.20 5.76
N ASN B 39 19.46 7.69 5.04
CA ASN B 39 19.52 6.37 4.44
C ASN B 39 19.27 6.50 2.95
N TRP B 40 19.97 5.68 2.17
CA TRP B 40 19.80 5.66 0.73
C TRP B 40 19.16 4.34 0.31
N VAL B 41 18.18 4.42 -0.57
CA VAL B 41 17.38 3.30 -0.99
C VAL B 41 17.32 3.30 -2.52
N GLN B 42 17.43 2.13 -3.13
CA GLN B 42 17.47 1.99 -4.58
C GLN B 42 16.22 1.29 -5.08
N GLU B 43 15.58 1.86 -6.10
CA GLU B 43 14.37 1.31 -6.68
C GLU B 43 14.65 0.87 -8.11
N LYS B 44 14.53 -0.42 -8.37
CA LYS B 44 14.56 -1.02 -9.69
C LYS B 44 13.14 -1.32 -10.15
N PRO B 45 12.93 -1.63 -11.43
CA PRO B 45 11.55 -1.80 -11.92
C PRO B 45 10.84 -2.96 -11.23
N ASP B 46 9.51 -2.97 -11.38
CA ASP B 46 8.63 -3.87 -10.62
C ASP B 46 8.68 -3.57 -9.13
N HIS B 47 8.90 -2.30 -8.77
CA HIS B 47 8.85 -1.83 -7.39
C HIS B 47 9.74 -2.65 -6.46
N LEU B 48 10.98 -2.85 -6.91
CA LEU B 48 11.99 -3.58 -6.15
C LEU B 48 12.86 -2.57 -5.42
N PHE B 49 12.65 -2.45 -4.12
CA PHE B 49 13.36 -1.50 -3.26
C PHE B 49 14.37 -2.24 -2.41
N THR B 50 15.59 -1.72 -2.35
CA THR B 50 16.65 -2.28 -1.51
C THR B 50 17.43 -1.12 -0.91
N GLY B 51 17.71 -1.20 0.39
CA GLY B 51 18.54 -0.20 1.02
C GLY B 51 19.99 -0.39 0.61
N LEU B 52 20.69 0.74 0.44
CA LEU B 52 22.12 0.72 0.14
C LEU B 52 22.97 1.22 1.29
N VAL B 53 22.63 2.37 1.85
CA VAL B 53 23.40 3.00 2.91
C VAL B 53 22.42 3.38 4.01
N TYR B 54 22.85 3.28 5.27
CA TYR B 54 22.07 3.74 6.41
C TYR B 54 22.95 4.58 7.32
N SER B 55 22.33 5.55 8.00
CA SER B 55 22.99 6.42 8.96
C SER B 55 24.26 7.05 8.37
N THR B 56 24.05 7.77 7.27
CA THR B 56 25.05 8.57 6.57
C THR B 56 26.04 7.74 5.76
N ASN B 57 26.82 6.88 6.41
CA ASN B 57 27.96 6.27 5.77
C ASN B 57 28.03 4.76 5.85
N SER B 58 27.13 4.11 6.59
CA SER B 58 27.24 2.67 6.83
C SER B 58 26.62 1.91 5.67
N ARG B 59 27.41 1.09 5.00
CA ARG B 59 26.91 0.30 3.89
C ARG B 59 26.09 -0.86 4.42
N VAL B 60 24.96 -1.12 3.77
CA VAL B 60 24.17 -2.30 4.13
C VAL B 60 24.94 -3.54 3.74
N PRO B 61 25.07 -4.53 4.63
CA PRO B 61 25.85 -5.73 4.29
C PRO B 61 25.34 -6.39 3.02
N GLY B 62 26.28 -6.79 2.16
CA GLY B 62 25.97 -7.40 0.89
C GLY B 62 25.97 -6.44 -0.28
N VAL B 63 25.79 -5.14 -0.03
CA VAL B 63 25.77 -4.15 -1.11
C VAL B 63 27.19 -3.97 -1.65
N PRO B 64 27.38 -3.85 -2.97
CA PRO B 64 28.73 -3.69 -3.51
C PRO B 64 29.48 -2.53 -2.89
N ALA B 65 30.80 -2.67 -2.79
CA ALA B 65 31.62 -1.65 -2.13
C ALA B 65 31.70 -0.35 -2.91
N ARG B 66 31.35 -0.36 -4.21
CA ARG B 66 31.39 0.86 -4.98
C ARG B 66 30.37 1.91 -4.51
N PHE B 67 29.45 1.53 -3.63
CA PHE B 67 28.51 2.47 -3.02
C PHE B 67 29.09 2.99 -1.71
N SER B 68 29.11 4.30 -1.53
CA SER B 68 29.53 4.87 -0.26
C SER B 68 28.71 6.13 0.03
N GLY B 69 28.46 6.36 1.31
CA GLY B 69 27.70 7.52 1.74
C GLY B 69 28.55 8.44 2.59
N SER B 70 28.27 9.73 2.48
CA SER B 70 29.02 10.74 3.21
C SER B 70 28.19 12.00 3.29
N LEU B 71 28.69 12.98 4.04
CA LEU B 71 28.18 14.33 4.00
C LEU B 71 29.15 15.20 3.20
N ILE B 72 28.62 16.04 2.34
CA ILE B 72 29.40 16.91 1.47
C ILE B 72 28.81 18.31 1.60
N GLY B 73 29.52 19.19 2.29
CA GLY B 73 28.94 20.50 2.59
C GLY B 73 27.68 20.33 3.42
N ASP B 74 26.61 21.01 3.01
CA ASP B 74 25.34 21.01 3.71
C ASP B 74 24.44 19.83 3.34
N LYS B 75 24.92 18.90 2.53
CA LYS B 75 24.06 17.85 2.00
C LYS B 75 24.66 16.48 2.30
N ALA B 76 23.80 15.47 2.28
CA ALA B 76 24.27 14.10 2.26
C ALA B 76 24.50 13.66 0.81
N ALA B 77 25.36 12.68 0.63
CA ALA B 77 25.76 12.26 -0.70
C ALA B 77 25.96 10.76 -0.77
N LEU B 78 25.46 10.17 -1.85
CA LEU B 78 25.75 8.79 -2.21
C LEU B 78 26.67 8.81 -3.42
N THR B 79 27.82 8.16 -3.30
CA THR B 79 28.81 8.11 -4.37
C THR B 79 28.88 6.69 -4.91
N ILE B 80 28.82 6.58 -6.24
CA ILE B 80 29.01 5.32 -6.95
C ILE B 80 30.34 5.43 -7.68
N THR B 81 31.37 4.78 -7.15
CA THR B 81 32.71 4.81 -7.73
C THR B 81 32.85 3.66 -8.72
N GLY B 82 32.78 3.97 -10.01
CA GLY B 82 32.83 2.94 -11.03
C GLY B 82 31.45 2.37 -11.29
N ALA B 83 30.54 3.20 -11.78
CA ALA B 83 29.15 2.80 -11.94
C ALA B 83 29.01 1.71 -12.99
N GLN B 84 28.04 0.82 -12.78
CA GLN B 84 27.77 -0.29 -13.68
C GLN B 84 26.39 -0.13 -14.30
N ALA B 85 26.14 -0.90 -15.36
CA ALA B 85 24.90 -0.77 -16.11
C ALA B 85 23.71 -1.08 -15.23
N GLU B 86 23.85 -2.07 -14.36
CA GLU B 86 22.80 -2.52 -13.46
C GLU B 86 22.52 -1.52 -12.35
N ASP B 87 23.34 -0.46 -12.23
CA ASP B 87 23.09 0.61 -11.29
C ASP B 87 22.07 1.61 -11.83
N GLU B 88 21.61 1.43 -13.07
CA GLU B 88 20.52 2.23 -13.58
C GLU B 88 19.27 1.97 -12.75
N ALA B 89 18.81 2.98 -12.01
CA ALA B 89 17.70 2.84 -11.09
C ALA B 89 17.34 4.23 -10.58
N ILE B 90 16.32 4.30 -9.73
CA ILE B 90 15.98 5.51 -9.00
C ILE B 90 16.51 5.39 -7.59
N TYR B 91 17.13 6.46 -7.09
CA TYR B 91 17.72 6.45 -5.75
C TYR B 91 17.02 7.48 -4.88
N PHE B 92 16.52 7.03 -3.73
CA PHE B 92 15.86 7.89 -2.76
C PHE B 92 16.73 8.05 -1.52
N CYS B 93 16.75 9.25 -0.95
CA CYS B 93 17.25 9.45 0.40
C CYS B 93 16.10 9.68 1.36
N THR B 94 16.36 9.39 2.63
CA THR B 94 15.41 9.57 3.71
C THR B 94 16.12 10.28 4.85
N LEU B 95 15.48 11.30 5.43
CA LEU B 95 16.06 12.07 6.52
C LEU B 95 15.17 11.97 7.75
N TRP B 96 15.80 11.93 8.92
CA TRP B 96 15.08 11.97 10.19
C TRP B 96 15.00 13.42 10.67
N TYR B 97 13.79 13.96 10.73
CA TYR B 97 13.58 15.32 11.21
C TYR B 97 12.24 15.40 11.92
N SER B 98 12.26 15.82 13.17
CA SER B 98 11.04 16.06 13.95
C SER B 98 10.18 14.80 14.02
N ASN B 99 10.79 13.73 14.56
CA ASN B 99 10.14 12.45 14.82
C ASN B 99 9.34 11.91 13.63
N HIS B 100 9.77 12.22 12.41
N HIS B 100 9.74 12.27 12.41
CA HIS B 100 9.25 11.51 11.25
CA HIS B 100 9.26 11.63 11.20
C HIS B 100 10.34 11.43 10.20
C HIS B 100 10.47 11.29 10.33
N TRP B 101 10.25 10.40 9.38
CA TRP B 101 11.14 10.24 8.24
C TRP B 101 10.55 11.00 7.06
N VAL B 102 11.40 11.73 6.34
CA VAL B 102 11.02 12.44 5.13
C VAL B 102 11.85 11.90 3.98
N PHE B 103 11.18 11.49 2.91
CA PHE B 103 11.84 11.01 1.70
C PHE B 103 12.08 12.15 0.73
N GLY B 104 13.23 12.13 0.07
CA GLY B 104 13.43 12.97 -1.09
C GLY B 104 12.63 12.42 -2.26
N GLY B 105 12.54 13.24 -3.31
CA GLY B 105 11.78 12.87 -4.49
C GLY B 105 12.42 11.84 -5.40
N GLY B 106 13.66 11.45 -5.14
CA GLY B 106 14.32 10.43 -5.95
C GLY B 106 15.08 10.97 -7.14
N THR B 107 16.21 10.34 -7.45
CA THR B 107 17.05 10.71 -8.58
C THR B 107 17.11 9.54 -9.54
N LYS B 108 16.66 9.75 -10.77
CA LYS B 108 16.75 8.72 -11.80
C LYS B 108 18.17 8.72 -12.37
N LEU B 109 18.91 7.65 -12.11
CA LEU B 109 20.27 7.51 -12.61
C LEU B 109 20.24 6.71 -13.91
N THR B 110 20.69 7.33 -14.99
CA THR B 110 20.85 6.66 -16.27
C THR B 110 22.30 6.25 -16.44
N VAL B 111 22.53 5.00 -16.79
CA VAL B 111 23.86 4.50 -17.13
C VAL B 111 23.84 4.14 -18.61
N LEU B 112 24.71 4.78 -19.38
CA LEU B 112 24.74 4.57 -20.83
C LEU B 112 25.24 3.17 -21.16
N GLY B 113 24.44 2.45 -21.94
CA GLY B 113 24.79 1.09 -22.33
C GLY B 113 23.61 0.13 -22.20
N GLN B 130 17.07 -15.84 1.57
CA GLN B 130 17.44 -14.79 2.51
C GLN B 130 16.21 -14.03 2.99
N VAL B 131 16.42 -12.76 3.36
CA VAL B 131 15.34 -11.94 3.88
C VAL B 131 14.28 -11.73 2.81
N GLN B 132 13.03 -11.99 3.16
CA GLN B 132 11.91 -11.73 2.26
C GLN B 132 10.72 -11.17 3.03
N LEU B 133 10.18 -10.07 2.51
CA LEU B 133 8.96 -9.45 3.02
C LEU B 133 7.88 -9.61 1.95
N GLN B 134 6.82 -10.33 2.30
CA GLN B 134 5.80 -10.78 1.35
C GLN B 134 4.50 -10.02 1.57
N GLN B 135 4.05 -9.30 0.53
CA GLN B 135 2.81 -8.55 0.58
C GLN B 135 1.90 -8.95 -0.57
N PRO B 136 0.58 -9.01 -0.33
CA PRO B 136 -0.35 -9.18 -1.45
C PRO B 136 -0.17 -8.06 -2.47
N GLY B 137 -0.23 -8.45 -3.75
CA GLY B 137 0.10 -7.51 -4.82
C GLY B 137 -0.86 -6.33 -4.94
N ALA B 138 -2.14 -6.54 -4.65
CA ALA B 138 -3.12 -5.50 -4.91
C ALA B 138 -4.39 -5.76 -4.10
N GLU B 139 -5.16 -4.70 -3.92
CA GLU B 139 -6.46 -4.74 -3.28
C GLU B 139 -7.34 -3.69 -3.93
N LEU B 140 -8.65 -3.97 -3.96
CA LEU B 140 -9.63 -3.09 -4.58
C LEU B 140 -10.83 -3.00 -3.66
N VAL B 141 -11.14 -1.79 -3.18
CA VAL B 141 -12.23 -1.60 -2.22
C VAL B 141 -13.03 -0.36 -2.60
N LYS B 142 -14.22 -0.28 -2.00
CA LYS B 142 -15.14 0.84 -2.09
C LYS B 142 -14.80 1.88 -1.02
N PRO B 143 -15.08 3.16 -1.29
CA PRO B 143 -14.87 4.19 -0.26
C PRO B 143 -15.65 3.89 1.01
N GLY B 144 -14.96 3.99 2.14
CA GLY B 144 -15.52 3.68 3.43
C GLY B 144 -15.09 2.35 4.00
N ALA B 145 -14.52 1.48 3.17
CA ALA B 145 -14.09 0.19 3.65
C ALA B 145 -12.82 0.33 4.49
N SER B 146 -12.59 -0.66 5.35
CA SER B 146 -11.33 -0.82 6.03
C SER B 146 -10.59 -2.03 5.45
N VAL B 147 -9.28 -1.91 5.34
CA VAL B 147 -8.46 -3.00 4.85
C VAL B 147 -7.41 -3.34 5.89
N LYS B 148 -7.02 -4.60 5.91
CA LYS B 148 -5.95 -5.10 6.79
C LYS B 148 -4.83 -5.57 5.86
N LEU B 149 -3.79 -4.77 5.74
CA LEU B 149 -2.66 -5.10 4.87
C LEU B 149 -1.65 -5.95 5.64
N SER B 150 -1.10 -6.95 4.98
CA SER B 150 -0.22 -7.92 5.63
C SER B 150 1.16 -7.92 4.99
N CYS B 151 2.16 -8.20 5.81
CA CYS B 151 3.57 -8.23 5.40
C CYS B 151 4.19 -9.44 6.10
N LYS B 152 4.24 -10.57 5.40
CA LYS B 152 4.71 -11.82 5.99
C LYS B 152 6.22 -11.92 5.76
N THR B 153 6.97 -12.05 6.85
CA THR B 153 8.42 -12.07 6.80
C THR B 153 8.96 -13.49 6.93
N SER B 154 10.13 -13.71 6.35
CA SER B 154 10.88 -14.94 6.51
C SER B 154 12.34 -14.63 6.25
N GLY B 155 13.21 -15.57 6.61
CA GLY B 155 14.63 -15.42 6.39
C GLY B 155 15.39 -14.69 7.47
N TYR B 156 14.71 -14.22 8.52
CA TYR B 156 15.38 -13.59 9.64
C TYR B 156 14.48 -13.74 10.86
N THR B 157 15.03 -13.39 12.03
CA THR B 157 14.28 -13.49 13.27
C THR B 157 13.41 -12.25 13.40
N PHE B 158 12.12 -12.40 13.12
CA PHE B 158 11.17 -11.31 13.09
C PHE B 158 11.19 -10.42 14.34
N PRO B 159 11.22 -10.96 15.56
CA PRO B 159 11.19 -10.08 16.75
C PRO B 159 12.42 -9.20 16.92
N TYR B 160 13.52 -9.47 16.23
CA TYR B 160 14.73 -8.67 16.42
C TYR B 160 14.71 -7.38 15.60
N TYR B 161 13.69 -7.16 14.77
CA TYR B 161 13.66 -6.01 13.87
C TYR B 161 12.31 -5.30 13.94
N TRP B 162 12.36 -3.98 13.75
CA TRP B 162 11.15 -3.18 13.61
C TRP B 162 10.57 -3.36 12.20
N MET B 163 9.36 -2.85 12.01
CA MET B 163 8.74 -2.81 10.68
C MET B 163 8.18 -1.41 10.42
N HIS B 164 8.63 -0.80 9.34
CA HIS B 164 8.11 0.48 8.85
C HIS B 164 7.01 0.24 7.83
N TRP B 165 6.17 1.24 7.67
CA TRP B 165 5.21 1.26 6.57
C TRP B 165 5.38 2.58 5.82
N VAL B 166 5.33 2.49 4.49
CA VAL B 166 5.61 3.61 3.60
C VAL B 166 4.62 3.51 2.45
N ASN B 167 4.05 4.64 2.04
CA ASN B 167 3.16 4.59 0.88
C ASN B 167 3.65 5.53 -0.21
N GLN B 168 3.08 5.37 -1.40
CA GLN B 168 3.35 6.29 -2.49
C GLN B 168 2.11 6.40 -3.38
N ARG B 169 1.58 7.62 -3.51
CA ARG B 169 0.48 7.88 -4.43
C ARG B 169 1.02 8.09 -5.84
N PRO B 170 0.19 7.83 -6.87
CA PRO B 170 0.72 7.77 -8.25
C PRO B 170 1.58 8.96 -8.68
N GLY B 171 1.09 10.18 -8.54
CA GLY B 171 1.84 11.35 -8.96
C GLY B 171 2.75 11.94 -7.91
N ARG B 172 2.97 11.26 -6.79
CA ARG B 172 3.73 11.79 -5.67
C ARG B 172 4.84 10.82 -5.30
N GLY B 173 5.62 11.22 -4.28
CA GLY B 173 6.73 10.43 -3.82
C GLY B 173 6.38 9.55 -2.63
N LEU B 174 7.42 9.06 -1.97
CA LEU B 174 7.25 8.16 -0.83
C LEU B 174 6.94 8.95 0.42
N GLU B 175 6.11 8.36 1.29
CA GLU B 175 5.72 9.01 2.54
C GLU B 175 5.71 7.99 3.67
N TRP B 176 6.42 8.30 4.75
CA TRP B 176 6.53 7.40 5.89
C TRP B 176 5.23 7.41 6.69
N ILE B 177 4.69 6.23 6.97
CA ILE B 177 3.46 6.12 7.74
C ILE B 177 3.76 5.92 9.22
N GLY B 178 4.69 5.03 9.54
CA GLY B 178 5.04 4.77 10.91
C GLY B 178 5.85 3.49 11.02
N ARG B 179 6.14 3.11 12.25
CA ARG B 179 6.86 1.87 12.52
C ARG B 179 6.34 1.25 13.82
N ILE B 180 6.55 -0.06 13.93
CA ILE B 180 6.23 -0.82 15.13
C ILE B 180 7.44 -1.68 15.50
N ASP B 181 7.70 -1.80 16.81
CA ASP B 181 8.71 -2.72 17.32
C ASP B 181 8.03 -3.96 17.86
N PRO B 182 8.28 -5.14 17.30
CA PRO B 182 7.61 -6.35 17.80
C PRO B 182 7.97 -6.72 19.22
N ASN B 183 9.15 -6.34 19.70
CA ASN B 183 9.56 -6.72 21.05
C ASN B 183 8.71 -5.99 22.09
N GLY B 184 8.97 -4.70 22.29
CA GLY B 184 8.22 -3.93 23.27
C GLY B 184 6.81 -3.54 22.84
N GLY B 185 6.48 -3.69 21.56
CA GLY B 185 5.22 -3.21 21.04
C GLY B 185 5.15 -1.72 20.79
N GLY B 186 6.25 -1.01 20.97
CA GLY B 186 6.23 0.45 20.84
C GLY B 186 6.03 0.87 19.40
N THR B 187 5.09 1.79 19.18
CA THR B 187 4.73 2.24 17.85
C THR B 187 4.90 3.75 17.74
N ARG B 188 5.30 4.19 16.55
CA ARG B 188 5.37 5.60 16.22
C ARG B 188 4.62 5.82 14.92
N TYR B 189 3.82 6.88 14.87
CA TYR B 189 3.04 7.22 13.69
C TYR B 189 3.43 8.58 13.17
N SER B 190 3.43 8.73 11.85
CA SER B 190 3.44 10.06 11.26
C SER B 190 2.20 10.82 11.71
N GLU B 191 2.36 12.14 11.91
CA GLU B 191 1.23 12.98 12.30
C GLU B 191 0.07 12.83 11.32
N LYS B 192 0.38 12.70 10.04
CA LYS B 192 -0.64 12.63 9.00
C LYS B 192 -1.40 11.31 9.00
N PHE B 193 -0.88 10.27 9.64
CA PHE B 193 -1.50 8.95 9.60
C PHE B 193 -1.90 8.42 10.97
N LYS B 194 -1.75 9.20 12.04
CA LYS B 194 -1.93 8.66 13.39
C LYS B 194 -3.36 8.21 13.64
N SER B 195 -4.33 8.78 12.92
CA SER B 195 -5.72 8.39 13.06
C SER B 195 -6.18 7.43 11.96
N LYS B 196 -5.44 7.32 10.87
CA LYS B 196 -5.83 6.49 9.74
C LYS B 196 -5.28 5.07 9.82
N ALA B 197 -4.08 4.89 10.36
CA ALA B 197 -3.38 3.63 10.35
C ALA B 197 -3.32 3.02 11.75
N THR B 198 -3.34 1.69 11.81
CA THR B 198 -3.10 0.95 13.04
C THR B 198 -2.11 -0.16 12.75
N LEU B 199 -0.94 -0.10 13.40
CA LEU B 199 0.11 -1.09 13.20
C LEU B 199 0.03 -2.14 14.29
N THR B 200 0.05 -3.41 13.89
CA THR B 200 0.10 -4.52 14.82
C THR B 200 1.08 -5.55 14.27
N VAL B 201 1.40 -6.54 15.09
CA VAL B 201 2.21 -7.69 14.67
C VAL B 201 1.61 -8.96 15.25
N ASP B 202 1.75 -10.04 14.51
CA ASP B 202 1.48 -11.38 15.01
C ASP B 202 2.81 -12.11 15.01
N LYS B 203 3.49 -12.10 16.16
CA LYS B 203 4.80 -12.74 16.25
C LYS B 203 4.77 -14.24 15.94
N PRO B 204 3.77 -15.02 16.36
CA PRO B 204 3.77 -16.45 15.97
C PRO B 204 3.85 -16.68 14.46
N SER B 205 3.23 -15.82 13.66
CA SER B 205 3.20 -15.99 12.22
C SER B 205 4.21 -15.09 11.50
N ASN B 206 5.04 -14.36 12.23
CA ASN B 206 6.10 -13.52 11.66
C ASN B 206 5.55 -12.53 10.64
N THR B 207 4.37 -11.99 10.94
CA THR B 207 3.64 -11.11 10.02
C THR B 207 3.33 -9.79 10.72
N ALA B 208 3.57 -8.70 10.01
CA ALA B 208 3.18 -7.37 10.47
C ALA B 208 1.94 -6.93 9.72
N TYR B 209 1.03 -6.24 10.41
CA TYR B 209 -0.24 -5.82 9.84
C TYR B 209 -0.40 -4.31 9.97
N MET B 210 -1.07 -3.72 8.98
CA MET B 210 -1.48 -2.32 9.03
C MET B 210 -2.94 -2.21 8.61
N GLN B 211 -3.78 -1.78 9.53
CA GLN B 211 -5.18 -1.51 9.21
C GLN B 211 -5.33 -0.05 8.81
N LEU B 212 -6.10 0.17 7.75
CA LEU B 212 -6.47 1.51 7.28
C LEU B 212 -7.98 1.62 7.35
N SER B 213 -8.47 2.66 8.03
CA SER B 213 -9.90 2.83 8.28
C SER B 213 -10.44 3.96 7.42
N SER B 214 -11.77 3.94 7.23
CA SER B 214 -12.50 5.01 6.56
C SER B 214 -11.80 5.44 5.28
N LEU B 215 -11.55 4.47 4.41
CA LEU B 215 -10.78 4.74 3.20
C LEU B 215 -11.54 5.64 2.25
N THR B 216 -10.83 6.60 1.67
CA THR B 216 -11.36 7.44 0.61
C THR B 216 -10.53 7.23 -0.64
N SER B 217 -11.00 7.82 -1.75
CA SER B 217 -10.25 7.73 -3.00
C SER B 217 -8.83 8.23 -2.84
N GLU B 218 -8.62 9.18 -1.92
CA GLU B 218 -7.31 9.78 -1.71
C GLU B 218 -6.30 8.80 -1.11
N ASP B 219 -6.77 7.68 -0.57
CA ASP B 219 -5.88 6.67 0.00
C ASP B 219 -5.43 5.63 -1.02
N SER B 220 -5.83 5.76 -2.27
CA SER B 220 -5.29 4.89 -3.30
C SER B 220 -3.79 5.14 -3.44
N ALA B 221 -3.00 4.08 -3.34
CA ALA B 221 -1.54 4.18 -3.33
C ALA B 221 -0.98 2.78 -3.21
N VAL B 222 0.33 2.68 -3.44
CA VAL B 222 1.07 1.46 -3.13
C VAL B 222 1.59 1.58 -1.71
N TYR B 223 1.35 0.54 -0.90
CA TYR B 223 1.74 0.53 0.50
C TYR B 223 2.81 -0.51 0.73
N TYR B 224 3.97 -0.06 1.22
CA TYR B 224 5.15 -0.89 1.40
C TYR B 224 5.40 -1.16 2.87
N CYS B 225 5.89 -2.36 3.18
CA CYS B 225 6.52 -2.61 4.46
C CYS B 225 8.03 -2.65 4.24
N ALA B 226 8.78 -2.10 5.20
CA ALA B 226 10.23 -2.06 5.11
C ALA B 226 10.82 -2.33 6.49
N ARG B 227 11.84 -3.19 6.52
CA ARG B 227 12.46 -3.60 7.77
C ARG B 227 13.37 -2.50 8.32
N GLY B 228 13.49 -2.47 9.64
CA GLY B 228 14.41 -1.55 10.27
C GLY B 228 14.81 -2.04 11.65
N LYS B 229 15.71 -1.27 12.25
CA LYS B 229 16.03 -1.36 13.67
C LYS B 229 16.73 -0.07 14.03
N LEU B 230 16.86 0.19 15.32
CA LEU B 230 17.54 1.41 15.77
C LEU B 230 18.86 1.61 15.04
N GLY B 231 18.98 2.70 14.30
CA GLY B 231 20.23 3.03 13.64
C GLY B 231 20.51 2.31 12.33
N GLN B 232 19.54 1.59 11.76
CA GLN B 232 19.78 0.82 10.54
C GLN B 232 18.40 0.53 9.94
N HIS B 233 17.93 1.45 9.10
CA HIS B 233 16.55 1.42 8.61
C HIS B 233 16.49 1.22 7.11
N PHE B 234 15.38 0.61 6.65
CA PHE B 234 14.98 0.53 5.25
C PHE B 234 15.90 -0.34 4.41
N ASP B 235 16.44 -1.42 4.98
CA ASP B 235 17.36 -2.27 4.22
C ASP B 235 16.62 -3.25 3.33
N TYR B 236 15.51 -3.85 3.79
CA TYR B 236 14.74 -4.78 2.98
C TYR B 236 13.29 -4.35 2.93
N TRP B 237 12.69 -4.48 1.75
CA TRP B 237 11.36 -3.97 1.46
C TRP B 237 10.47 -5.07 0.90
N GLY B 238 9.19 -5.03 1.25
CA GLY B 238 8.20 -5.77 0.49
C GLY B 238 8.00 -5.13 -0.88
N GLN B 239 7.26 -5.83 -1.73
CA GLN B 239 7.00 -5.32 -3.08
C GLN B 239 5.78 -4.41 -3.14
N GLY B 240 5.07 -4.22 -2.03
CA GLY B 240 3.97 -3.26 -1.99
C GLY B 240 2.63 -3.88 -2.33
N THR B 241 1.59 -3.32 -1.73
CA THR B 241 0.20 -3.64 -2.06
C THR B 241 -0.38 -2.41 -2.74
N ALA B 242 -0.71 -2.53 -4.02
CA ALA B 242 -1.35 -1.44 -4.77
C ALA B 242 -2.82 -1.40 -4.38
N LEU B 243 -3.17 -0.48 -3.48
CA LEU B 243 -4.53 -0.35 -3.00
C LEU B 243 -5.29 0.65 -3.86
N THR B 244 -6.38 0.20 -4.46
CA THR B 244 -7.27 1.07 -5.22
C THR B 244 -8.58 1.21 -4.46
N VAL B 245 -8.91 2.45 -4.08
CA VAL B 245 -10.17 2.79 -3.46
C VAL B 245 -10.99 3.51 -4.51
N SER B 246 -12.00 2.83 -5.04
CA SER B 246 -12.74 3.34 -6.20
C SER B 246 -14.21 3.02 -6.05
N SER B 247 -15.04 3.91 -6.58
CA SER B 247 -16.49 3.71 -6.61
C SER B 247 -16.83 2.56 -7.56
N GLN C 4 -24.89 -0.45 38.10
CA GLN C 4 -26.00 0.03 38.90
C GLN C 4 -25.76 1.45 39.37
N ALA C 5 -24.66 1.66 40.08
CA ALA C 5 -24.30 2.97 40.59
C ALA C 5 -23.75 3.86 39.48
N VAL C 6 -24.21 5.11 39.45
CA VAL C 6 -23.73 6.11 38.51
C VAL C 6 -22.93 7.15 39.28
N VAL C 7 -21.71 7.41 38.82
CA VAL C 7 -20.83 8.41 39.43
C VAL C 7 -20.77 9.62 38.51
N THR C 8 -21.03 10.79 39.08
CA THR C 8 -21.23 12.03 38.33
C THR C 8 -20.12 13.02 38.64
N GLN C 9 -19.49 13.51 37.59
CA GLN C 9 -18.53 14.60 37.67
C GLN C 9 -18.97 15.74 36.77
N GLU C 10 -18.53 16.95 37.10
CA GLU C 10 -18.74 18.07 36.19
C GLU C 10 -18.14 17.76 34.83
N SER C 11 -18.85 18.16 33.77
CA SER C 11 -18.37 17.85 32.42
C SER C 11 -17.07 18.60 32.12
N ALA C 12 -16.99 19.88 32.51
CA ALA C 12 -15.83 20.68 32.15
C ALA C 12 -15.73 21.87 33.09
N LEU C 13 -14.51 22.37 33.25
CA LEU C 13 -14.23 23.56 34.03
C LEU C 13 -13.07 24.31 33.39
N THR C 14 -13.07 25.63 33.56
CA THR C 14 -11.97 26.48 33.09
C THR C 14 -11.42 27.28 34.26
N THR C 15 -10.09 27.27 34.40
CA THR C 15 -9.39 28.04 35.42
C THR C 15 -8.21 28.73 34.76
N SER C 16 -7.49 29.51 35.53
CA SER C 16 -6.31 30.23 35.07
C SER C 16 -5.15 29.96 36.03
N PRO C 17 -3.92 30.08 35.55
CA PRO C 17 -2.77 29.84 36.44
C PRO C 17 -2.85 30.68 37.69
N GLY C 18 -2.54 30.06 38.83
CA GLY C 18 -2.59 30.72 40.12
C GLY C 18 -3.92 30.65 40.83
N GLU C 19 -4.99 30.21 40.16
CA GLU C 19 -6.31 30.13 40.77
C GLU C 19 -6.51 28.79 41.46
N THR C 20 -7.57 28.72 42.26
CA THR C 20 -7.97 27.49 42.95
C THR C 20 -9.24 26.95 42.31
N VAL C 21 -9.27 25.65 42.05
CA VAL C 21 -10.41 25.00 41.43
C VAL C 21 -10.74 23.72 42.18
N THR C 22 -12.02 23.41 42.30
CA THR C 22 -12.51 22.24 43.01
C THR C 22 -13.38 21.41 42.07
N LEU C 23 -13.02 20.15 41.90
CA LEU C 23 -13.81 19.19 41.14
C LEU C 23 -14.54 18.28 42.11
N THR C 24 -15.77 17.90 41.77
CA THR C 24 -16.56 17.10 42.69
C THR C 24 -16.98 15.77 42.04
N CYS C 25 -17.34 14.82 42.90
CA CYS C 25 -17.59 13.44 42.50
C CYS C 25 -18.76 12.94 43.33
N ARG C 26 -19.87 12.63 42.66
CA ARG C 26 -21.13 12.30 43.31
C ARG C 26 -21.55 10.89 42.96
N SER C 27 -22.21 10.23 43.91
CA SER C 27 -22.80 8.91 43.70
C SER C 27 -24.32 9.00 43.69
N SER C 28 -24.94 8.24 42.78
CA SER C 28 -26.39 8.15 42.76
C SER C 28 -26.94 7.36 43.95
N THR C 29 -26.11 6.54 44.59
CA THR C 29 -26.59 5.65 45.65
C THR C 29 -26.81 6.37 46.97
N GLY C 30 -26.24 7.54 47.15
CA GLY C 30 -26.26 8.24 48.42
C GLY C 30 -24.95 8.95 48.64
N ALA C 31 -24.62 9.16 49.91
CA ALA C 31 -23.42 9.92 50.25
C ALA C 31 -22.17 9.14 49.89
N VAL C 32 -21.16 9.88 49.42
CA VAL C 32 -19.81 9.34 49.32
C VAL C 32 -19.16 9.43 50.70
N THR C 33 -18.59 8.32 51.17
CA THR C 33 -17.89 8.27 52.44
C THR C 33 -16.47 7.72 52.21
N THR C 34 -15.68 7.66 53.28
CA THR C 34 -14.36 7.03 53.16
C THR C 34 -14.46 5.55 52.83
N SER C 35 -15.61 4.92 53.09
CA SER C 35 -15.82 3.53 52.69
C SER C 35 -15.95 3.37 51.18
N ASN C 36 -16.09 4.46 50.43
CA ASN C 36 -16.06 4.39 48.97
C ASN C 36 -14.65 4.51 48.40
N TYR C 37 -13.66 4.83 49.23
CA TYR C 37 -12.24 4.86 48.87
C TYR C 37 -11.99 5.54 47.51
N VAL C 38 -12.45 6.80 47.43
CA VAL C 38 -12.36 7.55 46.16
C VAL C 38 -10.91 7.67 45.72
N ASN C 39 -10.66 7.38 44.46
CA ASN C 39 -9.37 7.65 43.84
C ASN C 39 -9.56 8.63 42.70
N TRP C 40 -8.58 9.49 42.50
CA TRP C 40 -8.59 10.51 41.46
C TRP C 40 -7.45 10.22 40.50
N VAL C 41 -7.79 10.10 39.21
CA VAL C 41 -6.84 9.75 38.16
C VAL C 41 -6.85 10.85 37.10
N GLN C 42 -5.67 11.25 36.66
CA GLN C 42 -5.50 12.32 35.68
C GLN C 42 -5.09 11.74 34.35
N GLU C 43 -5.80 12.11 33.29
CA GLU C 43 -5.51 11.66 31.94
C GLU C 43 -4.98 12.83 31.12
N LYS C 44 -3.77 12.71 30.65
CA LYS C 44 -3.08 13.61 29.74
C LYS C 44 -3.08 13.02 28.34
N PRO C 45 -2.79 13.82 27.30
CA PRO C 45 -2.85 13.29 25.93
C PRO C 45 -1.99 12.05 25.73
N ASP C 46 -2.40 11.23 24.76
CA ASP C 46 -1.79 9.95 24.38
C ASP C 46 -2.13 8.86 25.39
N HIS C 47 -3.28 8.96 26.05
CA HIS C 47 -3.73 7.97 27.03
C HIS C 47 -2.69 7.77 28.14
N LEU C 48 -2.18 8.88 28.66
CA LEU C 48 -1.30 8.85 29.82
C LEU C 48 -2.16 9.08 31.06
N PHE C 49 -2.46 8.00 31.77
CA PHE C 49 -3.21 8.06 33.03
C PHE C 49 -2.24 7.97 34.19
N THR C 50 -2.41 8.83 35.19
CA THR C 50 -1.62 8.78 36.41
C THR C 50 -2.53 9.05 37.60
N GLY C 51 -2.38 8.26 38.66
CA GLY C 51 -3.12 8.51 39.88
C GLY C 51 -2.59 9.72 40.62
N LEU C 52 -3.51 10.52 41.16
CA LEU C 52 -3.16 11.66 41.99
C LEU C 52 -3.49 11.47 43.46
N VAL C 53 -4.68 10.94 43.75
CA VAL C 53 -5.15 10.73 45.11
C VAL C 53 -5.73 9.33 45.21
N TYR C 54 -5.53 8.67 46.35
CA TYR C 54 -6.17 7.38 46.60
C TYR C 54 -6.82 7.41 47.98
N SER C 55 -7.89 6.65 48.12
CA SER C 55 -8.63 6.54 49.38
C SER C 55 -8.93 7.91 49.98
N THR C 56 -9.69 8.69 49.21
CA THR C 56 -10.22 10.00 49.59
C THR C 56 -9.16 11.10 49.60
N ASN C 57 -8.14 11.01 50.46
CA ASN C 57 -7.28 12.16 50.71
C ASN C 57 -5.78 11.89 50.61
N SER C 58 -5.35 10.66 50.37
CA SER C 58 -3.93 10.33 50.40
C SER C 58 -3.31 10.60 49.03
N ARG C 59 -2.35 11.52 48.99
CA ARG C 59 -1.70 11.89 47.75
C ARG C 59 -0.71 10.81 47.32
N VAL C 60 -0.76 10.45 46.04
CA VAL C 60 0.22 9.50 45.50
C VAL C 60 1.61 10.11 45.58
N PRO C 61 2.61 9.40 46.10
CA PRO C 61 3.95 9.99 46.21
C PRO C 61 4.47 10.48 44.86
N GLY C 62 5.00 11.69 44.85
CA GLY C 62 5.49 12.32 43.63
C GLY C 62 4.53 13.33 43.03
N VAL C 63 3.28 13.36 43.48
CA VAL C 63 2.26 14.27 42.96
C VAL C 63 2.43 15.63 43.61
N PRO C 64 2.35 16.73 42.86
CA PRO C 64 2.55 18.06 43.45
C PRO C 64 1.56 18.32 44.58
N ALA C 65 2.06 19.01 45.61
CA ALA C 65 1.28 19.30 46.80
C ALA C 65 0.07 20.20 46.54
N ARG C 66 -0.01 20.82 45.36
CA ARG C 66 -1.20 21.62 45.08
C ARG C 66 -2.45 20.78 44.87
N PHE C 67 -2.31 19.45 44.76
CA PHE C 67 -3.46 18.56 44.65
C PHE C 67 -3.85 18.04 46.03
N SER C 68 -5.14 18.09 46.35
CA SER C 68 -5.62 17.52 47.60
C SER C 68 -7.01 16.95 47.39
N GLY C 69 -7.28 15.81 48.01
CA GLY C 69 -8.57 15.17 47.95
C GLY C 69 -9.26 15.22 49.29
N SER C 70 -10.58 15.32 49.28
CA SER C 70 -11.35 15.45 50.51
C SER C 70 -12.78 15.00 50.25
N LEU C 71 -13.57 15.00 51.31
CA LEU C 71 -15.02 14.92 51.24
C LEU C 71 -15.59 16.27 51.65
N ILE C 72 -16.63 16.70 50.95
CA ILE C 72 -17.36 17.92 51.28
C ILE C 72 -18.83 17.49 51.37
N GLY C 73 -19.31 17.29 52.59
CA GLY C 73 -20.62 16.73 52.79
C GLY C 73 -20.79 15.39 52.11
N ASP C 74 -21.62 15.34 51.07
CA ASP C 74 -22.00 14.10 50.41
C ASP C 74 -21.15 13.74 49.20
N LYS C 75 -20.24 14.62 48.78
CA LYS C 75 -19.44 14.40 47.59
C LYS C 75 -17.96 14.32 47.96
N ALA C 76 -17.21 13.60 47.13
CA ALA C 76 -15.77 13.70 47.16
C ALA C 76 -15.33 14.89 46.31
N ALA C 77 -14.14 15.41 46.60
CA ALA C 77 -13.68 16.58 45.88
C ALA C 77 -12.17 16.55 45.70
N LEU C 78 -11.72 16.99 44.53
CA LEU C 78 -10.32 17.20 44.23
C LEU C 78 -10.08 18.70 44.09
N THR C 79 -9.27 19.27 44.98
CA THR C 79 -8.96 20.69 44.97
C THR C 79 -7.54 20.88 44.46
N ILE C 80 -7.38 21.81 43.53
CA ILE C 80 -6.08 22.20 43.00
C ILE C 80 -5.84 23.64 43.43
N THR C 81 -4.90 23.85 44.34
CA THR C 81 -4.62 25.18 44.88
C THR C 81 -3.44 25.78 44.13
N GLY C 82 -3.72 26.80 43.30
CA GLY C 82 -2.69 27.39 42.48
C GLY C 82 -2.43 26.58 41.23
N ALA C 83 -3.46 26.45 40.39
CA ALA C 83 -3.38 25.58 39.22
C ALA C 83 -2.30 26.08 38.25
N GLN C 84 -1.71 25.13 37.52
CA GLN C 84 -0.65 25.39 36.56
C GLN C 84 -1.13 24.98 35.17
N ALA C 85 -0.42 25.46 34.15
CA ALA C 85 -0.75 25.12 32.77
C ALA C 85 -0.70 23.61 32.54
N GLU C 86 0.26 22.94 33.18
CA GLU C 86 0.40 21.49 33.02
C GLU C 86 -0.73 20.71 33.68
N ASP C 87 -1.61 21.37 34.43
CA ASP C 87 -2.77 20.70 35.03
C ASP C 87 -3.94 20.56 34.07
N GLU C 88 -3.86 21.17 32.88
CA GLU C 88 -4.91 20.97 31.89
C GLU C 88 -4.96 19.50 31.49
N ALA C 89 -6.11 18.86 31.72
CA ALA C 89 -6.25 17.42 31.55
C ALA C 89 -7.67 16.96 31.89
N ILE C 90 -7.94 15.67 31.75
CA ILE C 90 -9.21 15.08 32.19
C ILE C 90 -8.98 14.42 33.53
N TYR C 91 -9.92 14.62 34.46
CA TYR C 91 -9.80 14.10 35.82
C TYR C 91 -10.96 13.16 36.10
N PHE C 92 -10.64 11.90 36.39
CA PHE C 92 -11.63 10.89 36.72
C PHE C 92 -11.59 10.57 38.21
N CYS C 93 -12.76 10.40 38.82
CA CYS C 93 -12.83 9.75 40.12
C CYS C 93 -13.30 8.32 39.95
N THR C 94 -12.92 7.48 40.91
CA THR C 94 -13.31 6.08 40.95
C THR C 94 -13.90 5.79 42.31
N LEU C 95 -15.05 5.12 42.33
CA LEU C 95 -15.80 4.85 43.56
C LEU C 95 -15.88 3.35 43.78
N TRP C 96 -15.67 2.92 45.03
CA TRP C 96 -15.86 1.53 45.41
C TRP C 96 -17.27 1.36 45.97
N TYR C 97 -18.07 0.53 45.31
CA TYR C 97 -19.44 0.27 45.73
C TYR C 97 -19.56 -1.22 46.08
N SER C 98 -19.04 -1.59 47.25
CA SER C 98 -19.20 -2.90 47.87
C SER C 98 -18.40 -4.01 47.19
N ASN C 99 -18.49 -4.10 45.87
CA ASN C 99 -17.85 -5.18 45.11
C ASN C 99 -17.28 -4.77 43.77
N HIS C 100 -17.45 -3.53 43.33
N HIS C 100 -17.51 -3.53 43.31
CA HIS C 100 -16.90 -3.13 42.04
CA HIS C 100 -17.04 -3.04 42.03
C HIS C 100 -16.51 -1.66 42.05
C HIS C 100 -16.36 -1.68 42.21
N TRP C 101 -15.47 -1.34 41.28
CA TRP C 101 -15.04 0.03 41.09
C TRP C 101 -15.87 0.63 39.98
N VAL C 102 -16.31 1.87 40.16
CA VAL C 102 -17.13 2.58 39.19
C VAL C 102 -16.46 3.92 38.89
N PHE C 103 -16.24 4.20 37.61
CA PHE C 103 -15.62 5.44 37.17
C PHE C 103 -16.68 6.51 36.92
N GLY C 104 -16.37 7.74 37.32
CA GLY C 104 -17.14 8.87 36.87
C GLY C 104 -16.82 9.20 35.42
N GLY C 105 -17.61 10.10 34.85
CA GLY C 105 -17.46 10.44 33.44
C GLY C 105 -16.23 11.25 33.11
N GLY C 106 -15.55 11.80 34.11
CA GLY C 106 -14.38 12.63 33.85
C GLY C 106 -14.74 14.10 33.73
N THR C 107 -13.81 14.94 34.17
CA THR C 107 -13.93 16.39 34.08
C THR C 107 -12.77 16.91 33.25
N LYS C 108 -13.07 17.56 32.12
CA LYS C 108 -12.03 18.22 31.36
C LYS C 108 -11.74 19.57 32.00
N LEU C 109 -10.51 19.76 32.46
CA LEU C 109 -10.09 21.02 33.08
C LEU C 109 -9.22 21.79 32.09
N THR C 110 -9.69 22.96 31.69
CA THR C 110 -8.92 23.86 30.83
C THR C 110 -8.18 24.87 31.71
N VAL C 111 -6.89 25.05 31.45
CA VAL C 111 -6.11 26.11 32.09
C VAL C 111 -5.72 27.09 31.00
N LEU C 112 -6.27 28.31 31.09
CA LEU C 112 -6.00 29.34 30.09
C LEU C 112 -4.52 29.65 30.01
N GLY C 113 -4.03 29.85 28.79
CA GLY C 113 -2.62 30.11 28.56
C GLY C 113 -1.91 28.96 27.89
N GLN C 130 11.77 3.81 38.43
CA GLN C 130 10.83 4.29 37.43
C GLN C 130 9.77 3.22 37.12
N VAL C 131 8.60 3.35 37.71
CA VAL C 131 7.53 2.38 37.49
C VAL C 131 7.06 2.47 36.05
N GLN C 132 7.01 1.33 35.37
CA GLN C 132 6.57 1.28 33.98
C GLN C 132 5.69 0.04 33.79
N LEU C 133 4.52 0.25 33.17
CA LEU C 133 3.65 -0.84 32.76
C LEU C 133 3.54 -0.77 31.24
N GLN C 134 4.02 -1.82 30.57
CA GLN C 134 4.19 -1.84 29.13
C GLN C 134 3.13 -2.69 28.48
N GLN C 135 2.32 -2.09 27.60
CA GLN C 135 1.31 -2.77 26.83
C GLN C 135 1.54 -2.50 25.35
N PRO C 136 1.37 -3.50 24.49
CA PRO C 136 1.41 -3.24 23.06
C PRO C 136 0.32 -2.24 22.69
N GLY C 137 0.61 -1.42 21.68
CA GLY C 137 -0.30 -0.35 21.32
C GLY C 137 -1.65 -0.84 20.83
N ALA C 138 -1.69 -1.98 20.15
CA ALA C 138 -2.92 -2.42 19.52
C ALA C 138 -2.85 -3.90 19.21
N GLU C 139 -4.02 -4.51 19.04
CA GLU C 139 -4.17 -5.88 18.57
C GLU C 139 -5.35 -5.95 17.62
N LEU C 140 -5.21 -6.76 16.58
CA LEU C 140 -6.29 -7.02 15.62
C LEU C 140 -6.60 -8.51 15.66
N VAL C 141 -7.83 -8.86 16.06
CA VAL C 141 -8.22 -10.24 16.27
C VAL C 141 -9.54 -10.49 15.57
N LYS C 142 -9.70 -11.72 15.04
CA LYS C 142 -10.94 -12.10 14.37
C LYS C 142 -12.05 -12.39 15.38
N PRO C 143 -13.29 -12.08 15.04
CA PRO C 143 -14.41 -12.41 15.93
C PRO C 143 -14.48 -13.91 16.18
N GLY C 144 -14.88 -14.27 17.40
CA GLY C 144 -14.92 -15.64 17.82
C GLY C 144 -13.65 -16.17 18.44
N ALA C 145 -12.52 -15.50 18.23
CA ALA C 145 -11.26 -15.97 18.76
C ALA C 145 -11.07 -15.48 20.19
N SER C 146 -10.04 -16.03 20.84
CA SER C 146 -9.60 -15.58 22.15
C SER C 146 -8.29 -14.83 21.99
N VAL C 147 -7.92 -14.08 23.03
CA VAL C 147 -6.67 -13.33 23.03
C VAL C 147 -6.18 -13.19 24.47
N LYS C 148 -4.86 -13.21 24.63
CA LYS C 148 -4.22 -12.90 25.91
C LYS C 148 -3.50 -11.56 25.74
N LEU C 149 -4.02 -10.52 26.39
CA LEU C 149 -3.34 -9.24 26.46
C LEU C 149 -2.29 -9.26 27.56
N SER C 150 -1.18 -8.55 27.33
CA SER C 150 -0.04 -8.59 28.23
C SER C 150 0.26 -7.21 28.80
N CYS C 151 0.75 -7.20 30.04
CA CYS C 151 1.13 -5.99 30.77
C CYS C 151 2.44 -6.31 31.47
N LYS C 152 3.56 -5.89 30.88
CA LYS C 152 4.89 -6.18 31.42
C LYS C 152 5.34 -5.00 32.28
N THR C 153 5.70 -5.30 33.53
CA THR C 153 6.07 -4.26 34.48
C THR C 153 7.58 -4.18 34.68
N SER C 154 8.03 -2.99 35.09
CA SER C 154 9.42 -2.80 35.49
C SER C 154 9.47 -1.66 36.50
N GLY C 155 10.53 -1.64 37.30
CA GLY C 155 10.75 -0.57 38.25
C GLY C 155 10.13 -0.74 39.61
N TYR C 156 9.58 -1.90 39.91
CA TYR C 156 9.06 -2.19 41.25
C TYR C 156 8.95 -3.70 41.41
N THR C 157 8.87 -4.14 42.66
CA THR C 157 8.73 -5.57 42.93
C THR C 157 7.33 -6.02 42.56
N PHE C 158 7.22 -6.78 41.47
CA PHE C 158 5.93 -7.12 40.88
C PHE C 158 4.96 -7.80 41.85
N PRO C 159 5.37 -8.80 42.64
CA PRO C 159 4.37 -9.48 43.50
C PRO C 159 3.92 -8.68 44.73
N TYR C 160 4.42 -7.46 44.96
CA TYR C 160 3.95 -6.65 46.09
C TYR C 160 2.76 -5.76 45.74
N TYR C 161 2.27 -5.83 44.50
CA TYR C 161 1.20 -4.95 44.06
C TYR C 161 0.20 -5.77 43.25
N TRP C 162 -1.08 -5.47 43.45
CA TRP C 162 -2.13 -6.01 42.60
C TRP C 162 -2.07 -5.37 41.22
N MET C 163 -2.80 -5.96 40.28
CA MET C 163 -2.95 -5.40 38.95
C MET C 163 -4.42 -5.37 38.58
N HIS C 164 -4.94 -4.19 38.25
CA HIS C 164 -6.29 -4.00 37.74
C HIS C 164 -6.28 -3.98 36.22
N TRP C 165 -7.43 -4.31 35.65
CA TRP C 165 -7.67 -4.13 34.23
C TRP C 165 -8.93 -3.30 34.06
N VAL C 166 -8.87 -2.35 33.13
CA VAL C 166 -9.92 -1.36 32.89
C VAL C 166 -10.06 -1.24 31.38
N ASN C 167 -11.27 -1.05 30.88
CA ASN C 167 -11.42 -0.90 29.44
C ASN C 167 -12.28 0.31 29.12
N GLN C 168 -12.24 0.73 27.85
CA GLN C 168 -13.01 1.86 27.39
C GLN C 168 -13.40 1.64 25.94
N ARG C 169 -14.68 1.44 25.69
CA ARG C 169 -15.18 1.30 24.34
C ARG C 169 -15.24 2.67 23.65
N PRO C 170 -15.20 2.70 22.32
CA PRO C 170 -15.18 3.99 21.61
C PRO C 170 -16.36 4.87 21.97
N GLY C 171 -16.07 6.09 22.40
CA GLY C 171 -17.11 7.03 22.78
C GLY C 171 -17.86 6.71 24.06
N ARG C 172 -17.33 5.81 24.89
CA ARG C 172 -17.94 5.47 26.18
C ARG C 172 -16.96 5.74 27.30
N GLY C 173 -17.39 5.47 28.53
CA GLY C 173 -16.58 5.72 29.70
C GLY C 173 -15.70 4.54 30.08
N LEU C 174 -14.96 4.73 31.18
CA LEU C 174 -14.09 3.69 31.69
C LEU C 174 -14.87 2.69 32.53
N GLU C 175 -14.53 1.41 32.40
CA GLU C 175 -15.17 0.33 33.15
C GLU C 175 -14.13 -0.60 33.72
N TRP C 176 -14.22 -0.84 35.03
CA TRP C 176 -13.32 -1.75 35.71
C TRP C 176 -13.68 -3.20 35.37
N ILE C 177 -12.67 -3.98 34.99
CA ILE C 177 -12.86 -5.39 34.64
C ILE C 177 -12.60 -6.30 35.83
N GLY C 178 -11.48 -6.11 36.50
CA GLY C 178 -11.14 -6.92 37.65
C GLY C 178 -9.71 -6.66 38.09
N ARG C 179 -9.26 -7.47 39.05
CA ARG C 179 -7.90 -7.34 39.56
C ARG C 179 -7.38 -8.72 39.95
N ILE C 180 -6.06 -8.84 39.98
CA ILE C 180 -5.40 -10.05 40.46
C ILE C 180 -4.34 -9.65 41.46
N ASP C 181 -4.23 -10.44 42.53
CA ASP C 181 -3.12 -10.33 43.46
C ASP C 181 -2.03 -11.29 43.01
N PRO C 182 -0.89 -10.79 42.53
CA PRO C 182 0.15 -11.70 42.03
C PRO C 182 0.79 -12.55 43.12
N ASN C 183 0.74 -12.13 44.38
CA ASN C 183 1.40 -12.90 45.43
C ASN C 183 0.64 -14.19 45.68
N GLY C 184 -0.60 -14.07 46.18
CA GLY C 184 -1.44 -15.21 46.46
C GLY C 184 -2.44 -15.58 45.40
N GLY C 185 -2.33 -15.04 44.19
CA GLY C 185 -3.14 -15.45 43.05
C GLY C 185 -4.59 -15.04 43.07
N GLY C 186 -5.11 -14.51 44.18
CA GLY C 186 -6.54 -14.23 44.26
C GLY C 186 -6.98 -13.16 43.27
N THR C 187 -8.19 -13.34 42.73
CA THR C 187 -8.74 -12.46 41.70
C THR C 187 -10.16 -12.04 42.07
N ARG C 188 -10.51 -10.82 41.67
CA ARG C 188 -11.87 -10.31 41.77
C ARG C 188 -12.29 -9.77 40.42
N TYR C 189 -13.52 -10.08 40.00
CA TYR C 189 -14.03 -9.67 38.71
C TYR C 189 -15.30 -8.82 38.88
N SER C 190 -15.44 -7.85 37.98
CA SER C 190 -16.74 -7.23 37.78
C SER C 190 -17.74 -8.26 37.28
N GLU C 191 -18.98 -8.15 37.75
CA GLU C 191 -20.03 -9.08 37.31
C GLU C 191 -20.24 -9.01 35.80
N LYS C 192 -20.01 -7.83 35.20
CA LYS C 192 -20.22 -7.68 33.76
C LYS C 192 -19.18 -8.46 32.96
N PHE C 193 -18.00 -8.71 33.52
CA PHE C 193 -16.91 -9.34 32.78
C PHE C 193 -16.57 -10.74 33.28
N LYS C 194 -17.38 -11.30 34.19
CA LYS C 194 -16.99 -12.53 34.89
C LYS C 194 -16.77 -13.68 33.91
N SER C 195 -17.57 -13.77 32.86
CA SER C 195 -17.40 -14.83 31.88
C SER C 195 -16.50 -14.42 30.71
N LYS C 196 -16.14 -13.13 30.62
CA LYS C 196 -15.39 -12.63 29.48
C LYS C 196 -13.87 -12.64 29.72
N ALA C 197 -13.43 -12.28 30.92
CA ALA C 197 -12.02 -12.05 31.20
C ALA C 197 -11.50 -13.03 32.24
N THR C 198 -10.25 -13.45 32.08
CA THR C 198 -9.52 -14.21 33.09
C THR C 198 -8.16 -13.57 33.28
N LEU C 199 -7.87 -13.15 34.51
CA LEU C 199 -6.58 -12.55 34.84
C LEU C 199 -5.63 -13.61 35.36
N THR C 200 -4.38 -13.55 34.90
CA THR C 200 -3.29 -14.37 35.40
C THR C 200 -2.03 -13.52 35.51
N VAL C 201 -0.98 -14.12 36.06
CA VAL C 201 0.33 -13.49 36.13
C VAL C 201 1.40 -14.50 35.81
N ASP C 202 2.55 -13.99 35.37
CA ASP C 202 3.79 -14.80 35.25
C ASP C 202 4.82 -14.04 36.10
N LYS C 203 4.93 -14.37 37.38
CA LYS C 203 5.79 -13.63 38.29
C LYS C 203 7.26 -13.59 37.86
N PRO C 204 7.87 -14.68 37.35
CA PRO C 204 9.28 -14.57 36.95
C PRO C 204 9.54 -13.55 35.87
N SER C 205 8.60 -13.31 34.96
CA SER C 205 8.78 -12.31 33.92
C SER C 205 8.07 -11.00 34.22
N ASN C 206 7.57 -10.82 35.46
CA ASN C 206 7.00 -9.54 35.92
C ASN C 206 5.82 -9.10 35.07
N THR C 207 5.02 -10.02 34.56
CA THR C 207 4.01 -9.70 33.57
C THR C 207 2.62 -10.16 34.03
N ALA C 208 1.65 -9.27 33.90
CA ALA C 208 0.25 -9.60 34.11
C ALA C 208 -0.42 -9.84 32.76
N TYR C 209 -1.41 -10.73 32.76
CA TYR C 209 -2.12 -11.09 31.54
C TYR C 209 -3.62 -10.99 31.77
N MET C 210 -4.34 -10.64 30.71
CA MET C 210 -5.79 -10.77 30.70
C MET C 210 -6.21 -11.54 29.46
N GLN C 211 -6.85 -12.68 29.68
CA GLN C 211 -7.38 -13.49 28.58
C GLN C 211 -8.83 -13.10 28.32
N LEU C 212 -9.13 -12.76 27.08
CA LEU C 212 -10.48 -12.45 26.64
C LEU C 212 -10.98 -13.60 25.77
N SER C 213 -12.13 -14.15 26.11
CA SER C 213 -12.66 -15.34 25.45
C SER C 213 -13.73 -14.97 24.44
N SER C 214 -13.73 -15.68 23.32
CA SER C 214 -14.80 -15.60 22.33
C SER C 214 -15.18 -14.15 22.02
N LEU C 215 -14.34 -13.47 21.25
CA LEU C 215 -14.50 -12.03 21.05
C LEU C 215 -15.64 -11.72 20.12
N THR C 216 -16.37 -10.65 20.43
CA THR C 216 -17.35 -10.07 19.54
C THR C 216 -16.97 -8.61 19.28
N SER C 217 -17.70 -7.97 18.37
CA SER C 217 -17.40 -6.58 18.04
C SER C 217 -17.53 -5.67 19.26
N GLU C 218 -18.39 -6.04 20.21
CA GLU C 218 -18.54 -5.24 21.42
C GLU C 218 -17.32 -5.30 22.33
N ASP C 219 -16.36 -6.16 22.04
CA ASP C 219 -15.11 -6.21 22.78
C ASP C 219 -14.06 -5.25 22.22
N SER C 220 -14.33 -4.62 21.09
CA SER C 220 -13.42 -3.58 20.60
C SER C 220 -13.38 -2.43 21.59
N ALA C 221 -12.19 -2.10 22.07
CA ALA C 221 -12.02 -1.14 23.15
C ALA C 221 -10.52 -1.00 23.41
N VAL C 222 -10.18 0.04 24.16
CA VAL C 222 -8.84 0.16 24.72
C VAL C 222 -8.84 -0.53 26.08
N TYR C 223 -7.83 -1.37 26.32
CA TYR C 223 -7.70 -2.09 27.56
C TYR C 223 -6.46 -1.62 28.30
N TYR C 224 -6.63 -1.19 29.54
CA TYR C 224 -5.57 -0.67 30.39
C TYR C 224 -5.28 -1.66 31.51
N CYS C 225 -4.00 -1.82 31.83
CA CYS C 225 -3.62 -2.35 33.13
C CYS C 225 -3.26 -1.18 34.04
N ALA C 226 -3.51 -1.33 35.33
CA ALA C 226 -3.27 -0.27 36.29
C ALA C 226 -2.89 -0.90 37.62
N ARG C 227 -1.85 -0.36 38.24
CA ARG C 227 -1.32 -0.92 39.47
C ARG C 227 -2.19 -0.56 40.67
N GLY C 228 -2.21 -1.46 41.64
CA GLY C 228 -2.93 -1.21 42.87
C GLY C 228 -2.34 -2.03 44.00
N LYS C 229 -2.86 -1.78 45.19
CA LYS C 229 -2.65 -2.62 46.36
C LYS C 229 -3.73 -2.21 47.35
N LEU C 230 -3.93 -3.04 48.37
CA LEU C 230 -5.00 -2.79 49.33
C LEU C 230 -4.93 -1.36 49.85
N GLY C 231 -5.99 -0.61 49.57
CA GLY C 231 -6.10 0.76 50.03
C GLY C 231 -5.37 1.81 49.22
N GLN C 232 -4.75 1.44 48.10
CA GLN C 232 -3.98 2.39 47.26
C GLN C 232 -4.11 1.95 45.79
N HIS C 233 -5.13 2.43 45.06
CA HIS C 233 -5.35 1.88 43.74
C HIS C 233 -5.16 2.93 42.66
N PHE C 234 -4.71 2.45 41.48
CA PHE C 234 -4.66 3.19 40.22
C PHE C 234 -3.59 4.27 40.20
N ASP C 235 -2.43 4.03 40.81
CA ASP C 235 -1.39 5.06 40.80
C ASP C 235 -0.64 5.08 39.47
N TYR C 236 -0.23 3.92 38.96
CA TYR C 236 0.48 3.85 37.69
C TYR C 236 -0.30 2.99 36.71
N TRP C 237 -0.33 3.43 35.45
CA TRP C 237 -1.14 2.82 34.40
C TRP C 237 -0.28 2.46 33.21
N GLY C 238 -0.66 1.38 32.52
CA GLY C 238 -0.16 1.16 31.18
C GLY C 238 -0.78 2.15 30.21
N GLN C 239 -0.18 2.23 29.03
CA GLN C 239 -0.67 3.17 28.02
C GLN C 239 -1.92 2.67 27.31
N GLY C 240 -2.29 1.40 27.46
CA GLY C 240 -3.50 0.88 26.87
C GLY C 240 -3.28 0.14 25.56
N THR C 241 -4.03 -0.94 25.36
CA THR C 241 -4.02 -1.70 24.12
C THR C 241 -5.34 -1.50 23.42
N ALA C 242 -5.31 -0.89 22.24
CA ALA C 242 -6.51 -0.71 21.43
C ALA C 242 -6.77 -2.02 20.69
N LEU C 243 -7.73 -2.80 21.18
CA LEU C 243 -8.07 -4.09 20.59
C LEU C 243 -9.22 -3.89 19.62
N THR C 244 -9.01 -4.26 18.36
CA THR C 244 -10.06 -4.20 17.34
C THR C 244 -10.45 -5.64 16.97
N VAL C 245 -11.71 -5.97 17.19
CA VAL C 245 -12.26 -7.27 16.84
C VAL C 245 -13.00 -7.08 15.52
N SER C 246 -12.42 -7.57 14.43
CA SER C 246 -13.05 -7.44 13.13
C SER C 246 -12.63 -8.58 12.23
N SER C 247 -13.54 -9.00 11.36
CA SER C 247 -13.25 -9.98 10.34
C SER C 247 -12.71 -9.28 9.10
N GLN D 4 -6.68 21.64 -8.80
CA GLN D 4 -7.64 20.92 -7.96
C GLN D 4 -7.69 19.43 -8.30
N ALA D 5 -7.95 19.13 -9.57
CA ALA D 5 -8.19 17.75 -10.00
C ALA D 5 -6.90 16.93 -10.02
N VAL D 6 -7.07 15.63 -9.80
CA VAL D 6 -5.96 14.68 -9.82
C VAL D 6 -6.15 13.77 -11.03
N VAL D 7 -5.11 13.66 -11.85
CA VAL D 7 -5.12 12.80 -13.03
C VAL D 7 -4.19 11.63 -12.75
N THR D 8 -4.71 10.41 -12.87
CA THR D 8 -4.01 9.20 -12.44
C THR D 8 -3.74 8.30 -13.64
N GLN D 9 -2.50 7.84 -13.76
CA GLN D 9 -2.10 6.86 -14.75
C GLN D 9 -1.48 5.66 -14.07
N GLU D 10 -1.37 4.56 -14.80
CA GLU D 10 -0.62 3.41 -14.30
C GLU D 10 0.83 3.82 -14.07
N SER D 11 1.43 3.27 -13.01
CA SER D 11 2.81 3.66 -12.69
C SER D 11 3.78 3.09 -13.72
N ALA D 12 3.62 1.81 -14.08
CA ALA D 12 4.52 1.20 -15.06
C ALA D 12 3.83 -0.01 -15.67
N LEU D 13 4.11 -0.22 -16.96
CA LEU D 13 3.61 -1.37 -17.69
C LEU D 13 4.74 -1.94 -18.54
N THR D 14 4.61 -3.21 -18.90
CA THR D 14 5.63 -3.90 -19.68
C THR D 14 4.98 -4.67 -20.83
N THR D 15 5.68 -4.76 -21.95
CA THR D 15 5.17 -5.45 -23.12
C THR D 15 6.35 -5.90 -23.97
N SER D 16 6.03 -6.67 -25.01
CA SER D 16 7.04 -7.23 -25.89
C SER D 16 6.89 -6.67 -27.30
N PRO D 17 7.97 -6.63 -28.09
CA PRO D 17 7.86 -6.10 -29.46
C PRO D 17 6.90 -6.91 -30.31
N GLY D 18 5.89 -6.23 -30.84
CA GLY D 18 4.81 -6.87 -31.57
C GLY D 18 3.52 -6.98 -30.80
N GLU D 19 3.56 -6.86 -29.47
CA GLU D 19 2.39 -6.93 -28.64
C GLU D 19 1.60 -5.62 -28.70
N THR D 20 0.41 -5.63 -28.08
CA THR D 20 -0.42 -4.46 -27.96
C THR D 20 -0.56 -4.11 -26.49
N VAL D 21 -0.41 -2.82 -26.17
CA VAL D 21 -0.45 -2.34 -24.79
C VAL D 21 -1.33 -1.10 -24.72
N THR D 22 -2.08 -0.97 -23.64
CA THR D 22 -2.99 0.15 -23.44
C THR D 22 -2.66 0.85 -22.13
N LEU D 23 -2.51 2.18 -22.20
CA LEU D 23 -2.33 3.03 -21.02
C LEU D 23 -3.58 3.84 -20.82
N THR D 24 -3.98 4.03 -19.57
CA THR D 24 -5.21 4.75 -19.28
C THR D 24 -4.92 6.02 -18.50
N CYS D 25 -5.90 6.92 -18.49
CA CYS D 25 -5.77 8.26 -17.91
C CYS D 25 -7.12 8.59 -17.28
N ARG D 26 -7.14 8.76 -15.96
CA ARG D 26 -8.37 8.90 -15.20
C ARG D 26 -8.43 10.26 -14.53
N SER D 27 -9.65 10.79 -14.41
CA SER D 27 -9.93 12.04 -13.73
C SER D 27 -10.59 11.77 -12.38
N SER D 28 -10.31 12.63 -11.41
CA SER D 28 -10.92 12.53 -10.09
C SER D 28 -12.20 13.33 -9.97
N THR D 29 -12.50 14.21 -10.93
CA THR D 29 -13.73 14.99 -10.90
C THR D 29 -14.89 14.29 -11.58
N GLY D 30 -14.63 13.21 -12.32
CA GLY D 30 -15.67 12.48 -13.02
C GLY D 30 -15.09 11.80 -14.24
N ALA D 31 -15.97 11.52 -15.20
CA ALA D 31 -15.55 10.85 -16.43
C ALA D 31 -14.68 11.79 -17.27
N VAL D 32 -13.72 11.20 -17.97
CA VAL D 32 -12.94 11.93 -18.98
C VAL D 32 -13.72 11.93 -20.28
N THR D 33 -14.07 13.12 -20.77
CA THR D 33 -14.80 13.28 -22.02
C THR D 33 -13.93 14.01 -23.03
N THR D 34 -14.44 14.16 -24.25
CA THR D 34 -13.71 14.94 -25.25
C THR D 34 -13.56 16.39 -24.82
N SER D 35 -14.44 16.88 -23.94
CA SER D 35 -14.28 18.22 -23.39
C SER D 35 -13.07 18.36 -22.49
N ASN D 36 -12.40 17.26 -22.13
CA ASN D 36 -11.14 17.32 -21.42
C ASN D 36 -9.95 17.38 -22.36
N TYR D 37 -10.16 17.19 -23.66
CA TYR D 37 -9.15 17.36 -24.69
C TYR D 37 -7.82 16.71 -24.32
N VAL D 38 -7.86 15.41 -24.03
CA VAL D 38 -6.68 14.73 -23.53
C VAL D 38 -5.59 14.73 -24.60
N ASN D 39 -4.37 15.07 -24.18
CA ASN D 39 -3.19 14.95 -25.02
C ASN D 39 -2.23 13.95 -24.38
N TRP D 40 -1.49 13.23 -25.22
CA TRP D 40 -0.53 12.23 -24.78
C TRP D 40 0.86 12.63 -25.25
N VAL D 41 1.79 12.69 -24.30
CA VAL D 41 3.16 13.14 -24.57
C VAL D 41 4.13 12.06 -24.09
N GLN D 42 5.10 11.74 -24.94
CA GLN D 42 6.10 10.71 -24.67
C GLN D 42 7.42 11.36 -24.30
N GLU D 43 8.01 10.91 -23.19
CA GLU D 43 9.31 11.41 -22.73
C GLU D 43 10.37 10.33 -22.95
N LYS D 44 11.33 10.64 -23.81
CA LYS D 44 12.53 9.83 -23.97
C LYS D 44 13.62 10.32 -23.03
N PRO D 45 14.69 9.53 -22.85
CA PRO D 45 15.84 10.03 -22.08
C PRO D 45 16.36 11.37 -22.58
N ASP D 46 17.03 12.12 -21.69
CA ASP D 46 17.57 13.44 -21.98
C ASP D 46 16.46 14.46 -22.26
N HIS D 47 15.34 14.33 -21.54
CA HIS D 47 14.23 15.27 -21.60
C HIS D 47 13.77 15.52 -23.04
N LEU D 48 13.63 14.44 -23.79
CA LEU D 48 13.10 14.51 -25.15
C LEU D 48 11.60 14.28 -25.09
N PHE D 49 10.84 15.38 -24.99
CA PHE D 49 9.39 15.30 -24.99
C PHE D 49 8.86 15.49 -26.40
N THR D 50 7.90 14.65 -26.78
CA THR D 50 7.24 14.72 -28.06
C THR D 50 5.76 14.38 -27.86
N GLY D 51 4.89 15.14 -28.52
CA GLY D 51 3.48 14.85 -28.45
C GLY D 51 3.10 13.75 -29.43
N LEU D 52 2.21 12.86 -28.99
CA LEU D 52 1.75 11.73 -29.79
C LEU D 52 0.31 11.89 -30.25
N VAL D 53 -0.58 12.24 -29.34
CA VAL D 53 -2.00 12.40 -29.61
C VAL D 53 -2.45 13.71 -28.99
N TYR D 54 -3.39 14.38 -29.64
CA TYR D 54 -4.03 15.56 -29.08
C TYR D 54 -5.54 15.42 -29.21
N SER D 55 -6.26 16.05 -28.28
CA SER D 55 -7.72 16.10 -28.28
C SER D 55 -8.34 14.73 -28.49
N THR D 56 -7.99 13.82 -27.58
CA THR D 56 -8.54 12.47 -27.45
C THR D 56 -7.97 11.51 -28.47
N ASN D 57 -8.26 11.72 -29.76
CA ASN D 57 -8.04 10.70 -30.77
C ASN D 57 -7.23 11.16 -31.97
N SER D 58 -6.86 12.43 -32.06
CA SER D 58 -6.13 12.90 -33.23
C SER D 58 -4.63 12.66 -33.02
N ARG D 59 -4.02 11.94 -33.95
CA ARG D 59 -2.58 11.68 -33.86
C ARG D 59 -1.79 12.86 -34.41
N VAL D 60 -0.75 13.26 -33.70
CA VAL D 60 0.13 14.30 -34.20
C VAL D 60 0.69 13.88 -35.55
N PRO D 61 0.68 14.74 -36.58
CA PRO D 61 1.28 14.36 -37.85
C PRO D 61 2.75 14.01 -37.68
N GLY D 62 3.16 12.94 -38.37
CA GLY D 62 4.51 12.42 -38.25
C GLY D 62 4.68 11.31 -37.23
N VAL D 63 3.69 11.07 -36.38
CA VAL D 63 3.77 10.04 -35.34
C VAL D 63 3.41 8.70 -35.97
N PRO D 64 4.10 7.61 -35.63
CA PRO D 64 3.78 6.31 -36.23
C PRO D 64 2.32 5.93 -36.01
N ALA D 65 1.74 5.27 -37.01
CA ALA D 65 0.33 4.92 -37.01
C ALA D 65 -0.03 3.90 -35.95
N ARG D 66 0.95 3.28 -35.28
CA ARG D 66 0.63 2.30 -34.25
C ARG D 66 0.12 2.96 -32.97
N PHE D 67 0.32 4.27 -32.80
CA PHE D 67 -0.22 5.00 -31.66
C PHE D 67 -1.62 5.47 -31.99
N SER D 68 -2.56 5.25 -31.08
CA SER D 68 -3.92 5.74 -31.24
C SER D 68 -4.47 6.15 -29.88
N GLY D 69 -5.31 7.16 -29.88
CA GLY D 69 -5.96 7.65 -28.67
C GLY D 69 -7.45 7.44 -28.74
N SER D 70 -8.06 7.13 -27.60
CA SER D 70 -9.49 6.89 -27.56
C SER D 70 -10.00 7.15 -26.15
N LEU D 71 -11.31 7.10 -26.01
CA LEU D 71 -11.97 7.04 -24.72
C LEU D 71 -12.44 5.61 -24.48
N ILE D 72 -12.23 5.12 -23.27
CA ILE D 72 -12.57 3.76 -22.90
C ILE D 72 -13.27 3.85 -21.55
N GLY D 73 -14.58 3.60 -21.55
CA GLY D 73 -15.38 3.86 -20.36
C GLY D 73 -15.30 5.33 -19.99
N ASP D 74 -14.99 5.60 -18.72
CA ASP D 74 -14.87 6.97 -18.23
C ASP D 74 -13.42 7.46 -18.20
N LYS D 75 -12.53 6.81 -18.96
CA LYS D 75 -11.12 7.16 -18.98
C LYS D 75 -10.66 7.38 -20.41
N ALA D 76 -9.57 8.11 -20.55
CA ALA D 76 -8.87 8.22 -21.83
C ALA D 76 -7.78 7.17 -21.91
N ALA D 77 -7.42 6.78 -23.14
CA ALA D 77 -6.43 5.71 -23.30
C ALA D 77 -5.56 5.94 -24.53
N LEU D 78 -4.33 5.46 -24.42
CA LEU D 78 -3.36 5.42 -25.50
C LEU D 78 -3.03 3.96 -25.78
N THR D 79 -3.29 3.52 -27.00
CA THR D 79 -3.04 2.14 -27.40
C THR D 79 -1.90 2.10 -28.39
N ILE D 80 -0.99 1.14 -28.19
CA ILE D 80 0.11 0.89 -29.11
C ILE D 80 -0.09 -0.52 -29.63
N THR D 81 -0.58 -0.65 -30.86
CA THR D 81 -0.77 -1.97 -31.49
C THR D 81 0.48 -2.26 -32.33
N GLY D 82 1.24 -3.27 -31.93
CA GLY D 82 2.52 -3.55 -32.55
C GLY D 82 3.63 -2.75 -31.90
N ALA D 83 3.84 -3.00 -30.61
CA ALA D 83 4.80 -2.22 -29.83
C ALA D 83 6.21 -2.40 -30.38
N GLN D 84 7.01 -1.35 -30.29
CA GLN D 84 8.41 -1.43 -30.78
C GLN D 84 9.39 -1.14 -29.65
N ALA D 85 10.65 -1.50 -29.84
CA ALA D 85 11.71 -1.30 -28.86
C ALA D 85 11.86 0.18 -28.54
N GLU D 86 11.93 1.03 -29.57
CA GLU D 86 12.03 2.47 -29.36
C GLU D 86 10.82 3.05 -28.63
N ASP D 87 9.73 2.30 -28.51
CA ASP D 87 8.57 2.75 -27.77
C ASP D 87 8.76 2.69 -26.26
N GLU D 88 9.93 2.27 -25.78
CA GLU D 88 10.19 2.26 -24.35
C GLU D 88 10.43 3.69 -23.88
N ALA D 89 9.54 4.20 -23.03
CA ALA D 89 9.60 5.59 -22.57
C ALA D 89 8.54 5.85 -21.50
N ILE D 90 8.48 7.08 -21.00
CA ILE D 90 7.43 7.51 -20.08
C ILE D 90 6.34 8.22 -20.90
N TYR D 91 5.09 7.99 -20.52
CA TYR D 91 3.95 8.52 -21.26
C TYR D 91 3.06 9.30 -20.29
N PHE D 92 2.86 10.58 -20.59
CA PHE D 92 2.03 11.47 -19.79
C PHE D 92 0.75 11.81 -20.54
N CYS D 93 -0.36 11.87 -19.83
CA CYS D 93 -1.55 12.50 -20.36
C CYS D 93 -1.75 13.86 -19.73
N THR D 94 -2.51 14.71 -20.42
CA THR D 94 -2.88 16.03 -19.95
C THR D 94 -4.38 16.20 -20.14
N LEU D 95 -5.04 16.74 -19.13
CA LEU D 95 -6.48 16.94 -19.17
C LEU D 95 -6.79 18.42 -18.96
N TRP D 96 -7.81 18.90 -19.66
CA TRP D 96 -8.30 20.27 -19.55
C TRP D 96 -9.46 20.30 -18.57
N TYR D 97 -9.31 21.05 -17.47
CA TYR D 97 -10.39 21.20 -16.51
C TYR D 97 -10.88 22.64 -16.46
N SER D 98 -10.69 23.30 -15.32
CA SER D 98 -11.23 24.64 -15.09
C SER D 98 -10.18 25.68 -15.51
N ASN D 99 -10.11 25.95 -16.81
CA ASN D 99 -9.18 26.93 -17.36
C ASN D 99 -7.72 26.53 -17.16
N HIS D 100 -7.42 25.24 -17.00
CA HIS D 100 -6.04 24.84 -16.78
C HIS D 100 -5.84 23.40 -17.21
N TRP D 101 -4.60 23.10 -17.61
CA TRP D 101 -4.18 21.74 -17.91
C TRP D 101 -3.68 21.09 -16.63
N VAL D 102 -4.00 19.80 -16.46
CA VAL D 102 -3.46 18.98 -15.39
C VAL D 102 -2.76 17.78 -16.02
N PHE D 103 -1.52 17.54 -15.61
CA PHE D 103 -0.76 16.39 -16.06
C PHE D 103 -0.96 15.22 -15.13
N GLY D 104 -1.11 14.03 -15.69
CA GLY D 104 -1.03 12.81 -14.91
C GLY D 104 0.41 12.52 -14.51
N GLY D 105 0.56 11.55 -13.62
CA GLY D 105 1.87 11.21 -13.08
C GLY D 105 2.80 10.45 -14.01
N GLY D 106 2.29 9.95 -15.12
CA GLY D 106 3.13 9.30 -16.12
C GLY D 106 3.12 7.77 -15.98
N THR D 107 3.35 7.11 -17.10
CA THR D 107 3.40 5.65 -17.18
C THR D 107 4.73 5.23 -17.79
N LYS D 108 5.50 4.44 -17.05
CA LYS D 108 6.77 3.92 -17.55
C LYS D 108 6.51 2.64 -18.34
N LEU D 109 6.72 2.69 -19.65
CA LEU D 109 6.53 1.54 -20.52
C LEU D 109 7.88 0.91 -20.83
N THR D 110 8.04 -0.37 -20.46
CA THR D 110 9.24 -1.12 -20.75
C THR D 110 8.96 -2.11 -21.87
N VAL D 111 9.80 -2.11 -22.89
CA VAL D 111 9.68 -3.02 -24.03
C VAL D 111 10.83 -4.02 -23.95
N LEU D 112 10.49 -5.29 -23.75
CA LEU D 112 11.49 -6.31 -23.49
C LEU D 112 12.37 -6.55 -24.72
N GLY D 113 13.69 -6.47 -24.52
CA GLY D 113 14.65 -6.60 -25.61
C GLY D 113 15.33 -5.29 -25.97
N GLN D 130 12.37 19.11 -38.08
CA GLN D 130 12.38 20.48 -38.56
C GLN D 130 11.97 21.47 -37.46
N VAL D 131 10.84 21.20 -36.81
CA VAL D 131 10.37 22.06 -35.74
C VAL D 131 11.31 21.92 -34.54
N GLN D 132 11.87 23.04 -34.10
CA GLN D 132 12.87 23.04 -33.03
C GLN D 132 12.58 24.16 -32.04
N LEU D 133 12.47 23.80 -30.76
CA LEU D 133 12.31 24.74 -29.65
C LEU D 133 13.59 24.65 -28.81
N GLN D 134 14.39 25.72 -28.88
CA GLN D 134 15.73 25.73 -28.24
C GLN D 134 15.75 26.50 -26.92
N GLN D 135 16.13 25.82 -25.84
CA GLN D 135 16.25 26.41 -24.53
C GLN D 135 17.66 26.21 -23.98
N PRO D 136 18.23 27.21 -23.31
CA PRO D 136 19.50 26.98 -22.60
C PRO D 136 19.31 25.92 -21.52
N GLY D 137 20.36 25.12 -21.32
CA GLY D 137 20.21 23.93 -20.51
C GLY D 137 20.04 24.20 -19.03
N ALA D 138 20.66 25.25 -18.51
CA ALA D 138 20.56 25.51 -17.08
C ALA D 138 20.78 26.98 -16.79
N GLU D 139 20.37 27.39 -15.60
CA GLU D 139 20.58 28.73 -15.10
C GLU D 139 20.79 28.62 -13.59
N LEU D 140 21.60 29.53 -13.06
CA LEU D 140 21.90 29.58 -11.64
C LEU D 140 21.70 31.02 -11.18
N VAL D 141 20.92 31.21 -10.12
CA VAL D 141 20.53 32.55 -9.72
C VAL D 141 20.35 32.59 -8.21
N LYS D 142 20.55 33.78 -7.63
CA LYS D 142 20.41 33.97 -6.20
C LYS D 142 18.93 34.11 -5.82
N PRO D 143 18.56 33.67 -4.62
CA PRO D 143 17.21 33.91 -4.14
C PRO D 143 16.89 35.40 -4.14
N GLY D 144 15.64 35.72 -4.45
CA GLY D 144 15.19 37.08 -4.53
C GLY D 144 15.39 37.73 -5.89
N ALA D 145 16.16 37.13 -6.79
CA ALA D 145 16.39 37.73 -8.08
C ALA D 145 15.25 37.36 -9.04
N SER D 146 15.30 37.93 -10.24
CA SER D 146 14.36 37.60 -11.30
C SER D 146 15.13 37.10 -12.51
N VAL D 147 14.47 36.29 -13.32
CA VAL D 147 15.10 35.69 -14.49
C VAL D 147 14.10 35.68 -15.64
N LYS D 148 14.64 35.73 -16.86
CA LYS D 148 13.84 35.72 -18.08
C LYS D 148 14.35 34.55 -18.92
N LEU D 149 13.60 33.45 -18.94
CA LEU D 149 13.98 32.25 -19.65
C LEU D 149 13.52 32.31 -21.09
N SER D 150 14.35 31.83 -22.01
CA SER D 150 14.12 32.00 -23.44
C SER D 150 13.88 30.66 -24.12
N CYS D 151 13.12 30.73 -25.22
CA CYS D 151 12.74 29.57 -26.01
C CYS D 151 12.72 30.03 -27.47
N LYS D 152 13.81 29.77 -28.18
CA LYS D 152 13.98 30.20 -29.56
C LYS D 152 13.47 29.12 -30.50
N THR D 153 12.55 29.47 -31.39
CA THR D 153 11.94 28.50 -32.29
C THR D 153 12.48 28.61 -33.71
N SER D 154 12.42 27.49 -34.43
CA SER D 154 12.73 27.49 -35.86
C SER D 154 11.92 26.39 -36.52
N GLY D 155 11.83 26.46 -37.84
CA GLY D 155 11.18 25.42 -38.61
C GLY D 155 9.68 25.54 -38.76
N TYR D 156 9.07 26.61 -38.23
CA TYR D 156 7.65 26.85 -38.44
C TYR D 156 7.40 28.34 -38.29
N THR D 157 6.21 28.77 -38.70
CA THR D 157 5.80 30.16 -38.58
C THR D 157 5.37 30.41 -37.14
N PHE D 158 6.26 31.03 -36.37
CA PHE D 158 6.07 31.30 -34.95
C PHE D 158 4.72 31.94 -34.62
N PRO D 159 4.26 32.99 -35.30
CA PRO D 159 3.00 33.64 -34.88
C PRO D 159 1.75 32.79 -35.10
N TYR D 160 1.83 31.64 -35.75
CA TYR D 160 0.64 30.83 -36.01
C TYR D 160 0.37 29.81 -34.90
N TYR D 161 1.19 29.79 -33.86
CA TYR D 161 1.05 28.81 -32.78
C TYR D 161 1.21 29.49 -31.43
N TRP D 162 0.44 29.02 -30.45
CA TRP D 162 0.67 29.42 -29.07
C TRP D 162 1.94 28.77 -28.54
N MET D 163 2.39 29.26 -27.39
CA MET D 163 3.51 28.66 -26.67
C MET D 163 3.09 28.45 -25.22
N HIS D 164 3.21 27.21 -24.75
CA HIS D 164 2.98 26.84 -23.37
C HIS D 164 4.29 26.81 -22.61
N TRP D 165 4.20 26.98 -21.30
CA TRP D 165 5.32 26.75 -20.40
C TRP D 165 4.88 25.79 -19.30
N VAL D 166 5.76 24.84 -19.00
CA VAL D 166 5.50 23.74 -18.07
C VAL D 166 6.71 23.61 -17.16
N ASN D 167 6.49 23.31 -15.88
CA ASN D 167 7.64 23.12 -14.99
C ASN D 167 7.56 21.77 -14.30
N GLN D 168 8.71 21.28 -13.85
CA GLN D 168 8.81 20.04 -13.08
C GLN D 168 9.81 20.27 -11.96
N ARG D 169 9.30 20.44 -10.74
CA ARG D 169 10.15 20.50 -9.57
C ARG D 169 10.82 19.15 -9.35
N PRO D 170 11.97 19.12 -8.67
CA PRO D 170 12.77 17.87 -8.61
C PRO D 170 11.99 16.65 -8.14
N GLY D 171 11.21 16.76 -7.08
CA GLY D 171 10.49 15.60 -6.60
C GLY D 171 9.00 15.62 -6.89
N ARG D 172 8.61 16.10 -8.08
CA ARG D 172 7.20 16.31 -8.37
C ARG D 172 6.93 16.05 -9.85
N GLY D 173 5.65 16.17 -10.22
CA GLY D 173 5.23 15.97 -11.59
C GLY D 173 5.16 17.27 -12.38
N LEU D 174 4.78 17.14 -13.64
CA LEU D 174 4.67 18.28 -14.53
C LEU D 174 3.50 19.17 -14.12
N GLU D 175 3.71 20.48 -14.21
CA GLU D 175 2.67 21.45 -13.87
C GLU D 175 2.61 22.53 -14.95
N TRP D 176 1.42 22.76 -15.47
CA TRP D 176 1.20 23.78 -16.49
C TRP D 176 1.30 25.17 -15.87
N ILE D 177 2.12 26.02 -16.46
CA ILE D 177 2.27 27.39 -15.98
C ILE D 177 1.32 28.34 -16.69
N GLY D 178 1.30 28.29 -18.01
CA GLY D 178 0.44 29.19 -18.77
C GLY D 178 0.78 29.09 -20.24
N ARG D 179 0.09 29.92 -21.03
CA ARG D 179 0.31 29.96 -22.46
C ARG D 179 0.18 31.40 -22.95
N ILE D 180 0.74 31.66 -24.13
CA ILE D 180 0.63 32.97 -24.78
C ILE D 180 0.36 32.76 -26.25
N ASP D 181 -0.54 33.57 -26.80
CA ASP D 181 -0.78 33.61 -28.23
C ASP D 181 0.09 34.72 -28.83
N PRO D 182 1.09 34.40 -29.64
CA PRO D 182 1.99 35.46 -30.15
C PRO D 182 1.31 36.41 -31.12
N ASN D 183 0.15 36.05 -31.67
CA ASN D 183 -0.48 36.92 -32.66
C ASN D 183 -1.21 38.08 -31.99
N GLY D 184 -2.11 37.78 -31.06
CA GLY D 184 -2.84 38.80 -30.34
C GLY D 184 -2.17 39.21 -29.04
N GLY D 185 -1.29 38.36 -28.52
CA GLY D 185 -0.62 38.62 -27.26
C GLY D 185 -1.34 38.12 -26.03
N GLY D 186 -2.50 37.48 -26.19
CA GLY D 186 -3.29 37.08 -25.03
C GLY D 186 -2.65 35.93 -24.28
N THR D 187 -2.80 35.94 -22.96
CA THR D 187 -2.19 34.96 -22.08
C THR D 187 -3.23 34.38 -21.13
N ARG D 188 -3.03 33.11 -20.77
CA ARG D 188 -3.78 32.45 -19.71
C ARG D 188 -2.79 31.77 -18.78
N TYR D 189 -3.01 31.88 -17.47
CA TYR D 189 -2.09 31.35 -16.47
C TYR D 189 -2.78 30.37 -15.53
N SER D 190 -2.01 29.40 -15.06
CA SER D 190 -2.44 28.61 -13.92
C SER D 190 -2.53 29.49 -12.68
N GLU D 191 -3.59 29.28 -11.90
CA GLU D 191 -3.77 29.95 -10.61
C GLU D 191 -2.47 30.02 -9.82
N LYS D 192 -1.74 28.90 -9.82
CA LYS D 192 -0.55 28.77 -8.98
C LYS D 192 0.56 29.74 -9.37
N PHE D 193 0.64 30.12 -10.64
CA PHE D 193 1.80 30.83 -11.14
C PHE D 193 1.51 32.27 -11.54
N LYS D 194 0.30 32.78 -11.26
CA LYS D 194 -0.08 34.11 -11.73
C LYS D 194 0.84 35.19 -11.17
N SER D 195 1.17 35.12 -9.89
CA SER D 195 2.06 36.14 -9.33
C SER D 195 3.53 35.84 -9.58
N LYS D 196 3.84 34.66 -10.12
CA LYS D 196 5.22 34.21 -10.27
C LYS D 196 5.76 34.36 -11.70
N ALA D 197 4.96 34.03 -12.70
CA ALA D 197 5.42 33.95 -14.08
C ALA D 197 4.73 34.98 -14.95
N THR D 198 5.45 35.43 -15.99
CA THR D 198 4.89 36.29 -17.02
C THR D 198 5.41 35.82 -18.37
N LEU D 199 4.49 35.53 -19.29
CA LEU D 199 4.85 35.05 -20.62
C LEU D 199 4.82 36.20 -21.61
N THR D 200 5.85 36.29 -22.45
CA THR D 200 5.91 37.25 -23.53
C THR D 200 6.51 36.59 -24.77
N VAL D 201 6.49 37.32 -25.87
CA VAL D 201 7.11 36.88 -27.12
C VAL D 201 7.86 38.05 -27.75
N ASP D 202 8.88 37.70 -28.54
CA ASP D 202 9.55 38.63 -29.45
C ASP D 202 9.40 38.00 -30.84
N LYS D 203 8.36 38.41 -31.56
CA LYS D 203 8.11 37.85 -32.89
C LYS D 203 9.25 38.05 -33.88
N PRO D 204 9.93 39.21 -33.95
CA PRO D 204 11.02 39.33 -34.94
C PRO D 204 12.12 38.29 -34.80
N SER D 205 12.39 37.80 -33.59
CA SER D 205 13.39 36.77 -33.39
C SER D 205 12.79 35.39 -33.16
N ASN D 206 11.47 35.25 -33.32
CA ASN D 206 10.79 33.96 -33.20
C ASN D 206 11.07 33.30 -31.84
N THR D 207 11.03 34.10 -30.79
CA THR D 207 11.39 33.64 -29.45
C THR D 207 10.25 33.89 -28.48
N ALA D 208 9.97 32.90 -27.64
CA ALA D 208 9.07 33.03 -26.51
C ALA D 208 9.89 33.16 -25.23
N TYR D 209 9.39 33.96 -24.29
CA TYR D 209 10.08 34.23 -23.04
C TYR D 209 9.15 33.98 -21.86
N MET D 210 9.74 33.63 -20.73
CA MET D 210 9.01 33.55 -19.47
C MET D 210 9.82 34.18 -18.36
N GLN D 211 9.26 35.18 -17.71
CA GLN D 211 9.90 35.87 -16.60
C GLN D 211 9.41 35.29 -15.29
N LEU D 212 10.35 35.04 -14.38
CA LEU D 212 10.04 34.53 -13.05
C LEU D 212 10.51 35.58 -12.05
N SER D 213 9.59 36.04 -11.19
CA SER D 213 9.85 37.13 -10.28
C SER D 213 10.10 36.61 -8.87
N SER D 214 11.02 37.28 -8.17
CA SER D 214 11.30 37.05 -6.74
C SER D 214 11.49 35.56 -6.43
N LEU D 215 12.57 35.02 -6.98
CA LEU D 215 12.81 33.58 -6.91
C LEU D 215 13.09 33.14 -5.48
N THR D 216 12.54 31.97 -5.12
CA THR D 216 12.90 31.27 -3.89
C THR D 216 13.39 29.88 -4.27
N SER D 217 13.86 29.14 -3.25
CA SER D 217 14.42 27.82 -3.50
C SER D 217 13.37 26.87 -4.07
N GLU D 218 12.10 27.06 -3.72
CA GLU D 218 11.04 26.23 -4.26
C GLU D 218 10.75 26.51 -5.73
N ASP D 219 11.36 27.55 -6.30
CA ASP D 219 11.28 27.79 -7.74
C ASP D 219 12.31 27.00 -8.52
N SER D 220 13.22 26.29 -7.84
CA SER D 220 14.18 25.43 -8.53
C SER D 220 13.43 24.29 -9.22
N ALA D 221 13.59 24.20 -10.54
CA ALA D 221 12.85 23.22 -11.33
C ALA D 221 13.38 23.27 -12.76
N VAL D 222 12.97 22.29 -13.55
CA VAL D 222 13.16 22.34 -15.01
C VAL D 222 11.94 23.01 -15.61
N TYR D 223 12.17 23.94 -16.53
CA TYR D 223 11.11 24.70 -17.17
C TYR D 223 11.13 24.44 -18.66
N TYR D 224 10.00 23.93 -19.17
CA TYR D 224 9.85 23.58 -20.58
C TYR D 224 8.98 24.61 -21.28
N CYS D 225 9.31 24.89 -22.54
CA CYS D 225 8.36 25.47 -23.47
C CYS D 225 7.81 24.37 -24.36
N ALA D 226 6.55 24.52 -24.79
CA ALA D 226 5.89 23.50 -25.59
C ALA D 226 4.85 24.16 -26.48
N ARG D 227 4.89 23.82 -27.77
CA ARG D 227 4.06 24.46 -28.77
C ARG D 227 2.61 23.99 -28.67
N GLY D 228 1.70 24.86 -29.06
CA GLY D 228 0.30 24.47 -29.13
C GLY D 228 -0.46 25.41 -30.05
N LYS D 229 -1.74 25.10 -30.21
CA LYS D 229 -2.73 25.97 -30.82
C LYS D 229 -4.09 25.39 -30.46
N LEU D 230 -5.15 26.17 -30.69
CA LEU D 230 -6.48 25.77 -30.25
C LEU D 230 -6.80 24.32 -30.69
N GLY D 231 -7.21 23.50 -29.72
CA GLY D 231 -7.54 22.11 -29.97
C GLY D 231 -6.39 21.19 -30.32
N GLN D 232 -5.14 21.68 -30.34
CA GLN D 232 -4.00 20.87 -30.79
C GLN D 232 -2.76 21.32 -30.01
N HIS D 233 -2.55 20.70 -28.84
CA HIS D 233 -1.57 21.20 -27.87
C HIS D 233 -0.49 20.17 -27.55
N PHE D 234 0.71 20.70 -27.26
CA PHE D 234 1.84 19.96 -26.68
C PHE D 234 2.51 19.02 -27.67
N ASP D 235 2.56 19.39 -28.96
CA ASP D 235 3.12 18.49 -29.95
C ASP D 235 4.65 18.54 -29.97
N TYR D 236 5.25 19.72 -29.85
CA TYR D 236 6.71 19.87 -29.86
C TYR D 236 7.16 20.62 -28.61
N TRP D 237 8.31 20.21 -28.08
CA TRP D 237 8.80 20.67 -26.79
C TRP D 237 10.25 21.12 -26.89
N GLY D 238 10.59 22.10 -26.06
CA GLY D 238 12.00 22.36 -25.78
C GLY D 238 12.55 21.29 -24.85
N GLN D 239 13.88 21.27 -24.74
CA GLN D 239 14.54 20.32 -23.86
C GLN D 239 14.56 20.76 -22.40
N GLY D 240 14.11 21.97 -22.10
CA GLY D 240 14.01 22.41 -20.73
C GLY D 240 15.21 23.19 -20.24
N THR D 241 14.97 24.18 -19.39
CA THR D 241 16.01 24.88 -18.67
C THR D 241 15.96 24.43 -17.20
N ALA D 242 17.05 23.84 -16.73
CA ALA D 242 17.15 23.48 -15.31
C ALA D 242 17.57 24.73 -14.53
N LEU D 243 16.63 25.31 -13.80
CA LEU D 243 16.89 26.51 -13.02
C LEU D 243 17.20 26.11 -11.58
N THR D 244 18.40 26.44 -11.12
CA THR D 244 18.77 26.31 -9.71
C THR D 244 18.76 27.69 -9.07
N VAL D 245 18.00 27.84 -8.00
CA VAL D 245 17.98 29.05 -7.17
C VAL D 245 18.70 28.71 -5.87
N SER D 246 19.86 29.32 -5.63
CA SER D 246 20.64 28.96 -4.46
C SER D 246 21.54 30.12 -4.04
N SER D 247 21.62 30.33 -2.73
CA SER D 247 22.47 31.37 -2.15
C SER D 247 23.93 31.02 -2.30
#